data_2LKK
#
_entry.id   2LKK
#
loop_
_entity.id
_entity.type
_entity.pdbx_description
1 polymer 'Fatty acid-binding protein, liver'
2 non-polymer 'OLEIC ACID'
#
_entity_poly.entity_id   1
_entity_poly.type   'polypeptide(L)'
_entity_poly.pdbx_seq_one_letter_code
;SFSGKYQLQSQENFEAFMKAIGLPEELIQKGKDIKGVSEIVQNGKHFKFTITAGSKVIQNEFTVGEECELETMTGEKVKT
VVQLEGDNKLVTTFKNIKSVTELNGDIITNTMTLGDIVFKRISKRI
;
_entity_poly.pdbx_strand_id   A
#
# COMPACT_ATOMS: atom_id res chain seq x y z
N SER A 1 4.89 7.21 14.44
CA SER A 1 3.92 6.27 15.07
C SER A 1 2.91 5.75 14.00
N PHE A 2 3.08 4.49 13.58
CA PHE A 2 2.24 3.87 12.52
C PHE A 2 0.92 3.16 12.94
N SER A 3 0.67 2.79 14.21
CA SER A 3 -0.56 2.06 14.63
C SER A 3 -1.90 2.84 14.39
N GLY A 4 -2.85 2.23 13.66
CA GLY A 4 -4.16 2.85 13.34
C GLY A 4 -4.95 2.17 12.20
N LYS A 5 -6.24 2.51 12.10
CA LYS A 5 -7.16 2.04 11.03
C LYS A 5 -7.41 3.24 10.06
N TYR A 6 -6.55 3.42 9.06
CA TYR A 6 -6.54 4.65 8.21
C TYR A 6 -7.59 4.60 7.06
N GLN A 7 -8.65 5.43 7.11
CA GLN A 7 -9.66 5.47 6.02
C GLN A 7 -9.20 6.30 4.78
N LEU A 8 -9.40 5.72 3.58
CA LEU A 8 -9.01 6.34 2.29
C LEU A 8 -9.83 7.61 1.92
N GLN A 9 -9.11 8.66 1.51
CA GLN A 9 -9.71 9.97 1.11
C GLN A 9 -9.52 10.23 -0.41
N SER A 10 -8.25 10.35 -0.88
CA SER A 10 -7.93 10.55 -2.32
C SER A 10 -7.06 9.39 -2.88
N GLN A 11 -7.36 8.94 -4.11
CA GLN A 11 -6.63 7.86 -4.81
C GLN A 11 -6.24 8.41 -6.22
N GLU A 12 -4.93 8.60 -6.48
CA GLU A 12 -4.43 9.28 -7.70
C GLU A 12 -4.38 8.35 -8.97
N ASN A 13 -3.20 7.83 -9.37
CA ASN A 13 -3.05 7.02 -10.62
C ASN A 13 -3.47 5.52 -10.48
N PHE A 14 -4.76 5.26 -10.18
CA PHE A 14 -5.33 3.88 -10.12
C PHE A 14 -5.57 3.30 -11.55
N GLU A 15 -6.37 3.98 -12.40
CA GLU A 15 -6.61 3.61 -13.84
C GLU A 15 -5.31 3.38 -14.70
N ALA A 16 -4.35 4.33 -14.67
CA ALA A 16 -3.04 4.18 -15.36
C ALA A 16 -2.12 3.03 -14.82
N PHE A 17 -2.04 2.80 -13.50
CA PHE A 17 -1.26 1.70 -12.89
C PHE A 17 -1.87 0.29 -13.14
N MET A 18 -3.15 0.05 -12.78
CA MET A 18 -3.81 -1.26 -12.99
C MET A 18 -3.90 -1.71 -14.49
N LYS A 19 -4.19 -0.82 -15.46
CA LYS A 19 -4.03 -1.14 -16.91
C LYS A 19 -2.53 -1.40 -17.32
N ALA A 20 -1.53 -0.61 -16.87
CA ALA A 20 -0.08 -0.90 -17.13
C ALA A 20 0.44 -2.28 -16.55
N ILE A 21 0.01 -2.71 -15.35
CA ILE A 21 0.38 -4.06 -14.79
C ILE A 21 -0.50 -5.26 -15.30
N GLY A 22 -1.57 -5.04 -16.09
CA GLY A 22 -2.42 -6.13 -16.67
C GLY A 22 -3.68 -6.56 -15.88
N LEU A 23 -4.53 -5.62 -15.45
CA LEU A 23 -5.80 -5.93 -14.73
C LEU A 23 -7.10 -5.56 -15.56
N PRO A 24 -8.31 -6.15 -15.28
CA PRO A 24 -9.55 -5.85 -16.03
C PRO A 24 -10.26 -4.52 -15.67
N GLU A 25 -10.72 -3.80 -16.70
CA GLU A 25 -11.46 -2.52 -16.54
C GLU A 25 -12.76 -2.58 -15.66
N GLU A 26 -13.54 -3.68 -15.70
CA GLU A 26 -14.68 -3.95 -14.79
C GLU A 26 -14.30 -3.95 -13.27
N LEU A 27 -13.26 -4.71 -12.84
CA LEU A 27 -12.75 -4.66 -11.44
C LEU A 27 -12.03 -3.31 -11.06
N ILE A 28 -11.29 -2.68 -12.00
CA ILE A 28 -10.66 -1.33 -11.82
C ILE A 28 -11.75 -0.22 -11.58
N GLN A 29 -12.80 -0.15 -12.42
CA GLN A 29 -13.99 0.74 -12.19
C GLN A 29 -14.74 0.52 -10.84
N LYS A 30 -14.70 -0.68 -10.24
CA LYS A 30 -15.24 -0.94 -8.88
C LYS A 30 -14.29 -0.39 -7.76
N GLY A 31 -13.02 -0.83 -7.69
CA GLY A 31 -12.06 -0.34 -6.65
C GLY A 31 -11.47 1.09 -6.72
N LYS A 32 -11.69 1.86 -7.81
CA LYS A 32 -11.15 3.24 -7.93
C LYS A 32 -11.73 4.34 -6.97
N ASP A 33 -13.05 4.36 -6.71
CA ASP A 33 -13.72 5.42 -5.88
C ASP A 33 -14.18 4.99 -4.43
N ILE A 34 -13.98 3.72 -4.00
CA ILE A 34 -14.44 3.22 -2.66
C ILE A 34 -13.51 3.76 -1.53
N LYS A 35 -14.06 4.57 -0.59
CA LYS A 35 -13.30 5.06 0.59
C LYS A 35 -13.20 3.98 1.73
N GLY A 36 -12.36 2.96 1.52
CA GLY A 36 -12.18 1.85 2.50
C GLY A 36 -11.11 2.10 3.60
N VAL A 37 -11.01 1.14 4.53
CA VAL A 37 -10.04 1.18 5.65
C VAL A 37 -8.69 0.47 5.26
N SER A 38 -7.57 1.07 5.67
CA SER A 38 -6.21 0.50 5.50
C SER A 38 -5.55 0.48 6.91
N GLU A 39 -5.54 -0.69 7.54
CA GLU A 39 -5.00 -0.87 8.91
C GLU A 39 -3.46 -1.14 8.95
N ILE A 40 -2.80 -0.70 10.03
CA ILE A 40 -1.39 -1.06 10.32
C ILE A 40 -1.28 -1.23 11.88
N VAL A 41 -0.63 -2.32 12.36
CA VAL A 41 -0.34 -2.52 13.81
C VAL A 41 1.22 -2.58 13.92
N GLN A 42 1.88 -1.52 14.46
CA GLN A 42 3.36 -1.47 14.59
C GLN A 42 3.89 -2.27 15.82
N ASN A 43 4.51 -3.44 15.59
CA ASN A 43 5.09 -4.29 16.68
C ASN A 43 6.65 -4.35 16.52
N GLY A 44 7.34 -3.21 16.71
CA GLY A 44 8.82 -3.10 16.52
C GLY A 44 9.26 -3.25 15.04
N LYS A 45 9.68 -4.47 14.67
CA LYS A 45 9.96 -4.84 13.25
C LYS A 45 8.69 -5.34 12.48
N HIS A 46 7.73 -6.07 13.12
CA HIS A 46 6.54 -6.65 12.43
C HIS A 46 5.34 -5.66 12.37
N PHE A 47 5.00 -5.23 11.14
CA PHE A 47 3.89 -4.28 10.88
C PHE A 47 2.70 -5.08 10.28
N LYS A 48 1.67 -5.37 11.10
CA LYS A 48 0.50 -6.20 10.67
C LYS A 48 -0.57 -5.31 9.97
N PHE A 49 -0.80 -5.53 8.67
CA PHE A 49 -1.79 -4.74 7.90
C PHE A 49 -3.12 -5.47 7.57
N THR A 50 -4.20 -4.68 7.46
CA THR A 50 -5.53 -5.18 6.98
C THR A 50 -5.98 -4.14 5.89
N ILE A 51 -5.69 -4.42 4.60
CA ILE A 51 -5.88 -3.42 3.49
C ILE A 51 -7.15 -3.74 2.64
N THR A 52 -7.95 -2.70 2.36
CA THR A 52 -9.15 -2.80 1.51
C THR A 52 -8.81 -2.43 0.02
N ALA A 53 -8.81 -3.45 -0.84
CA ALA A 53 -8.67 -3.29 -2.31
C ALA A 53 -10.08 -3.30 -2.98
N GLY A 54 -10.84 -2.21 -2.76
CA GLY A 54 -12.25 -2.09 -3.20
C GLY A 54 -13.21 -2.98 -2.38
N SER A 55 -13.45 -4.20 -2.90
CA SER A 55 -14.25 -5.24 -2.18
C SER A 55 -13.38 -6.26 -1.36
N LYS A 56 -12.17 -6.64 -1.82
CA LYS A 56 -11.31 -7.65 -1.13
C LYS A 56 -10.48 -7.07 0.07
N VAL A 57 -10.53 -7.78 1.22
CA VAL A 57 -9.71 -7.44 2.41
C VAL A 57 -8.38 -8.28 2.30
N ILE A 58 -7.25 -7.60 2.00
CA ILE A 58 -5.92 -8.25 1.85
C ILE A 58 -5.13 -8.01 3.17
N GLN A 59 -5.04 -9.05 4.02
CA GLN A 59 -4.34 -8.97 5.33
C GLN A 59 -3.05 -9.83 5.36
N ASN A 60 -1.91 -9.14 5.55
CA ASN A 60 -0.54 -9.74 5.61
C ASN A 60 0.33 -8.87 6.59
N GLU A 61 1.49 -9.38 7.04
CA GLU A 61 2.41 -8.62 7.93
C GLU A 61 3.85 -8.46 7.36
N PHE A 62 4.37 -7.22 7.32
CA PHE A 62 5.73 -6.93 6.83
C PHE A 62 6.77 -6.71 7.96
N THR A 63 7.92 -7.36 7.80
CA THR A 63 9.05 -7.30 8.76
C THR A 63 10.08 -6.24 8.24
N VAL A 64 10.31 -5.15 9.00
CA VAL A 64 11.27 -4.09 8.61
C VAL A 64 12.72 -4.62 8.87
N GLY A 65 13.54 -4.74 7.81
CA GLY A 65 14.91 -5.31 7.94
C GLY A 65 15.11 -6.84 7.69
N GLU A 66 14.05 -7.67 7.66
CA GLU A 66 14.15 -9.11 7.28
C GLU A 66 13.00 -9.51 6.29
N GLU A 67 13.19 -10.57 5.48
CA GLU A 67 12.22 -11.01 4.44
C GLU A 67 10.71 -11.19 4.86
N CYS A 68 9.79 -10.63 4.05
CA CYS A 68 8.32 -10.71 4.32
C CYS A 68 7.49 -10.81 3.01
N GLU A 69 6.68 -11.88 2.95
CA GLU A 69 5.81 -12.21 1.79
C GLU A 69 4.43 -11.47 1.81
N LEU A 70 4.18 -10.62 0.80
CA LEU A 70 2.93 -9.84 0.67
C LEU A 70 2.21 -10.13 -0.69
N GLU A 71 0.87 -10.27 -0.70
CA GLU A 71 0.09 -10.48 -1.95
C GLU A 71 0.10 -9.22 -2.90
N THR A 72 0.28 -9.50 -4.19
CA THR A 72 0.30 -8.48 -5.28
C THR A 72 -0.98 -8.56 -6.17
N MET A 73 -1.24 -7.47 -6.91
CA MET A 73 -2.32 -7.43 -7.95
C MET A 73 -1.96 -8.34 -9.17
N THR A 74 -0.84 -8.08 -9.86
CA THR A 74 -0.29 -8.98 -10.90
C THR A 74 0.84 -9.83 -10.21
N GLY A 75 0.67 -11.15 -10.21
CA GLY A 75 1.67 -12.09 -9.64
C GLY A 75 1.13 -13.22 -8.76
N GLU A 76 1.50 -13.20 -7.45
CA GLU A 76 1.29 -14.33 -6.52
C GLU A 76 1.49 -13.83 -5.05
N LYS A 77 2.76 -13.74 -4.61
CA LYS A 77 3.14 -13.28 -3.26
C LYS A 77 4.64 -12.87 -3.30
N VAL A 78 4.91 -11.57 -3.14
CA VAL A 78 6.27 -10.99 -3.28
C VAL A 78 7.02 -10.84 -1.92
N LYS A 79 8.26 -11.34 -1.83
CA LYS A 79 9.12 -11.14 -0.62
C LYS A 79 9.84 -9.76 -0.72
N THR A 80 9.15 -8.73 -0.19
CA THR A 80 9.55 -7.31 -0.29
C THR A 80 9.92 -6.77 1.12
N VAL A 81 11.22 -6.59 1.43
CA VAL A 81 11.66 -6.04 2.74
C VAL A 81 11.54 -4.48 2.75
N VAL A 82 11.04 -3.93 3.85
CA VAL A 82 10.75 -2.48 3.97
C VAL A 82 11.81 -1.80 4.89
N GLN A 83 12.39 -0.67 4.46
CA GLN A 83 13.36 0.12 5.27
C GLN A 83 12.66 1.41 5.81
N LEU A 84 12.93 1.74 7.08
CA LEU A 84 12.27 2.86 7.80
C LEU A 84 13.25 4.04 8.12
N GLU A 85 12.87 5.26 7.73
CA GLU A 85 13.60 6.51 8.09
C GLU A 85 12.69 7.39 9.03
N GLY A 86 13.26 7.79 10.17
CA GLY A 86 12.59 8.69 11.17
C GLY A 86 11.21 8.36 11.79
N ASP A 87 10.86 7.08 11.86
CA ASP A 87 9.50 6.60 12.27
C ASP A 87 8.28 7.12 11.39
N ASN A 88 8.52 7.49 10.11
CA ASN A 88 7.46 7.97 9.18
C ASN A 88 7.63 7.58 7.68
N LYS A 89 8.84 7.36 7.15
CA LYS A 89 9.07 7.03 5.71
C LYS A 89 9.44 5.51 5.53
N LEU A 90 8.54 4.73 4.93
CA LEU A 90 8.76 3.29 4.65
C LEU A 90 9.04 3.05 3.14
N VAL A 91 10.20 2.50 2.77
CA VAL A 91 10.60 2.28 1.35
C VAL A 91 10.83 0.76 1.03
N THR A 92 10.22 0.22 -0.06
CA THR A 92 10.42 -1.20 -0.47
C THR A 92 10.51 -1.40 -2.03
N THR A 93 10.97 -2.60 -2.44
CA THR A 93 11.08 -3.02 -3.86
C THR A 93 10.06 -4.18 -4.07
N PHE A 94 8.90 -3.89 -4.69
CA PHE A 94 7.80 -4.88 -4.87
C PHE A 94 8.00 -5.73 -6.18
N LYS A 95 6.97 -5.94 -7.03
CA LYS A 95 7.12 -6.64 -8.34
C LYS A 95 7.59 -5.59 -9.41
N ASN A 96 8.90 -5.25 -9.42
CA ASN A 96 9.48 -4.15 -10.24
C ASN A 96 8.85 -2.71 -10.02
N ILE A 97 8.44 -2.41 -8.77
CA ILE A 97 7.75 -1.14 -8.39
C ILE A 97 8.47 -0.62 -7.10
N LYS A 98 8.87 0.66 -7.07
CA LYS A 98 9.45 1.28 -5.83
C LYS A 98 8.30 1.91 -5.00
N SER A 99 7.88 1.20 -3.93
CA SER A 99 6.76 1.65 -3.05
C SER A 99 7.29 2.51 -1.85
N VAL A 100 6.82 3.76 -1.79
CA VAL A 100 7.25 4.76 -0.75
C VAL A 100 5.98 5.13 0.09
N THR A 101 5.90 4.69 1.36
CA THR A 101 4.75 5.02 2.25
C THR A 101 5.20 6.12 3.27
N GLU A 102 4.63 7.35 3.22
CA GLU A 102 5.01 8.44 4.17
C GLU A 102 3.84 8.84 5.12
N LEU A 103 4.15 8.97 6.41
CA LEU A 103 3.18 9.40 7.45
C LEU A 103 3.45 10.91 7.79
N ASN A 104 2.50 11.81 7.46
CA ASN A 104 2.63 13.26 7.74
C ASN A 104 1.70 13.64 8.95
N GLY A 105 2.20 13.45 10.18
CA GLY A 105 1.41 13.68 11.42
C GLY A 105 0.43 12.53 11.72
N ASP A 106 -0.84 12.71 11.30
CA ASP A 106 -1.87 11.62 11.37
C ASP A 106 -2.59 11.36 9.99
N ILE A 107 -1.88 11.53 8.85
CA ILE A 107 -2.37 11.21 7.49
C ILE A 107 -1.24 10.40 6.77
N ILE A 108 -1.57 9.23 6.21
CA ILE A 108 -0.58 8.36 5.51
C ILE A 108 -0.75 8.42 3.96
N THR A 109 0.36 8.48 3.23
CA THR A 109 0.35 8.42 1.74
C THR A 109 1.14 7.18 1.24
N ASN A 110 0.55 6.33 0.40
CA ASN A 110 1.25 5.16 -0.20
C ASN A 110 1.53 5.47 -1.70
N THR A 111 2.79 5.76 -2.03
CA THR A 111 3.21 6.16 -3.40
C THR A 111 3.95 4.99 -4.11
N MET A 112 3.23 4.25 -4.97
CA MET A 112 3.80 3.13 -5.78
C MET A 112 4.32 3.67 -7.14
N THR A 113 5.65 3.81 -7.24
CA THR A 113 6.33 4.38 -8.43
C THR A 113 6.81 3.25 -9.40
N LEU A 114 6.15 3.18 -10.58
CA LEU A 114 6.50 2.21 -11.66
C LEU A 114 7.06 3.02 -12.88
N GLY A 115 8.34 3.45 -12.80
CA GLY A 115 8.98 4.28 -13.86
C GLY A 115 8.40 5.70 -13.98
N ASP A 116 7.48 5.85 -14.92
CA ASP A 116 6.69 7.12 -15.13
C ASP A 116 5.33 7.15 -14.34
N ILE A 117 4.70 5.99 -14.05
CA ILE A 117 3.40 5.88 -13.34
C ILE A 117 3.62 6.08 -11.79
N VAL A 118 2.93 7.06 -11.19
CA VAL A 118 3.04 7.36 -9.73
C VAL A 118 1.65 7.07 -9.06
N PHE A 119 1.39 5.81 -8.62
CA PHE A 119 0.11 5.45 -7.95
C PHE A 119 0.12 5.93 -6.46
N LYS A 120 -0.56 7.05 -6.18
CA LYS A 120 -0.55 7.67 -4.83
C LYS A 120 -1.92 7.61 -4.08
N ARG A 121 -1.98 6.84 -2.99
CA ARG A 121 -3.13 6.88 -2.04
C ARG A 121 -2.88 7.98 -0.94
N ILE A 122 -3.97 8.55 -0.40
CA ILE A 122 -3.93 9.54 0.72
C ILE A 122 -5.05 9.08 1.71
N SER A 123 -4.67 8.52 2.87
CA SER A 123 -5.62 7.96 3.88
C SER A 123 -5.41 8.60 5.29
N LYS A 124 -6.49 8.97 6.00
CA LYS A 124 -6.39 9.61 7.34
C LYS A 124 -6.55 8.60 8.52
N ARG A 125 -5.71 8.75 9.56
CA ARG A 125 -5.70 7.86 10.75
C ARG A 125 -7.01 7.88 11.60
N ILE A 126 -7.61 6.70 11.76
CA ILE A 126 -8.87 6.49 12.52
C ILE A 126 -8.66 5.26 13.49
N SER A 1 4.62 7.22 13.97
CA SER A 1 3.72 6.32 14.72
C SER A 1 2.68 5.68 13.75
N PHE A 2 2.93 4.43 13.36
CA PHE A 2 2.10 3.68 12.37
C PHE A 2 0.87 2.87 12.90
N SER A 3 0.58 2.81 14.21
CA SER A 3 -0.60 2.05 14.74
C SER A 3 -1.96 2.80 14.49
N GLY A 4 -2.87 2.18 13.72
CA GLY A 4 -4.20 2.78 13.40
C GLY A 4 -4.95 2.11 12.24
N LYS A 5 -6.24 2.47 12.12
CA LYS A 5 -7.15 2.02 11.02
C LYS A 5 -7.36 3.23 10.07
N TYR A 6 -6.46 3.42 9.09
CA TYR A 6 -6.41 4.64 8.25
C TYR A 6 -7.44 4.61 7.08
N GLN A 7 -8.54 5.40 7.12
CA GLN A 7 -9.55 5.41 6.03
C GLN A 7 -9.10 6.27 4.79
N LEU A 8 -9.32 5.71 3.59
CA LEU A 8 -8.95 6.35 2.29
C LEU A 8 -9.79 7.60 1.94
N GLN A 9 -9.08 8.66 1.52
CA GLN A 9 -9.69 9.96 1.12
C GLN A 9 -9.50 10.22 -0.40
N SER A 10 -8.24 10.35 -0.87
CA SER A 10 -7.93 10.56 -2.31
C SER A 10 -7.05 9.41 -2.88
N GLN A 11 -7.37 8.95 -4.10
CA GLN A 11 -6.62 7.88 -4.81
C GLN A 11 -6.23 8.42 -6.22
N GLU A 12 -4.92 8.61 -6.48
CA GLU A 12 -4.42 9.29 -7.71
C GLU A 12 -4.37 8.36 -8.97
N ASN A 13 -3.19 7.84 -9.37
CA ASN A 13 -3.05 7.03 -10.62
C ASN A 13 -3.46 5.52 -10.48
N PHE A 14 -4.75 5.27 -10.18
CA PHE A 14 -5.31 3.89 -10.12
C PHE A 14 -5.57 3.31 -11.55
N GLU A 15 -6.37 3.99 -12.40
CA GLU A 15 -6.60 3.62 -13.83
C GLU A 15 -5.30 3.38 -14.69
N ALA A 16 -4.35 4.33 -14.67
CA ALA A 16 -3.04 4.17 -15.36
C ALA A 16 -2.11 3.03 -14.82
N PHE A 17 -2.04 2.81 -13.49
CA PHE A 17 -1.25 1.70 -12.89
C PHE A 17 -1.87 0.29 -13.14
N MET A 18 -3.15 0.05 -12.78
CA MET A 18 -3.83 -1.26 -12.99
C MET A 18 -3.90 -1.71 -14.49
N LYS A 19 -4.18 -0.81 -15.46
CA LYS A 19 -4.03 -1.14 -16.91
C LYS A 19 -2.53 -1.40 -17.32
N ALA A 20 -1.53 -0.61 -16.87
CA ALA A 20 -0.08 -0.92 -17.12
C ALA A 20 0.44 -2.28 -16.56
N ILE A 21 0.01 -2.72 -15.35
CA ILE A 21 0.36 -4.06 -14.79
C ILE A 21 -0.51 -5.27 -15.30
N GLY A 22 -1.58 -5.05 -16.09
CA GLY A 22 -2.43 -6.12 -16.66
C GLY A 22 -3.69 -6.56 -15.89
N LEU A 23 -4.54 -5.61 -15.45
CA LEU A 23 -5.81 -5.93 -14.74
C LEU A 23 -7.11 -5.54 -15.54
N PRO A 24 -8.32 -6.14 -15.26
CA PRO A 24 -9.56 -5.84 -16.03
C PRO A 24 -10.27 -4.51 -15.66
N GLU A 25 -10.73 -3.79 -16.69
CA GLU A 25 -11.47 -2.51 -16.54
C GLU A 25 -12.77 -2.55 -15.66
N GLU A 26 -13.54 -3.66 -15.70
CA GLU A 26 -14.69 -3.92 -14.78
C GLU A 26 -14.30 -3.93 -13.27
N LEU A 27 -13.27 -4.68 -12.84
CA LEU A 27 -12.76 -4.64 -11.43
C LEU A 27 -12.04 -3.29 -11.06
N ILE A 28 -11.30 -2.65 -12.00
CA ILE A 28 -10.67 -1.31 -11.82
C ILE A 28 -11.74 -0.20 -11.57
N GLN A 29 -12.80 -0.12 -12.42
CA GLN A 29 -13.97 0.77 -12.19
C GLN A 29 -14.74 0.55 -10.84
N LYS A 30 -14.70 -0.65 -10.23
CA LYS A 30 -15.23 -0.91 -8.88
C LYS A 30 -14.28 -0.37 -7.76
N GLY A 31 -13.01 -0.81 -7.69
CA GLY A 31 -12.05 -0.32 -6.65
C GLY A 31 -11.46 1.10 -6.72
N LYS A 32 -11.67 1.87 -7.80
CA LYS A 32 -11.14 3.26 -7.94
C LYS A 32 -11.70 4.36 -6.96
N ASP A 33 -13.02 4.37 -6.70
CA ASP A 33 -13.69 5.43 -5.87
C ASP A 33 -14.15 5.00 -4.42
N ILE A 34 -13.95 3.73 -3.99
CA ILE A 34 -14.41 3.23 -2.65
C ILE A 34 -13.47 3.76 -1.51
N LYS A 35 -14.01 4.57 -0.58
CA LYS A 35 -13.24 5.06 0.61
C LYS A 35 -13.15 3.98 1.75
N GLY A 36 -12.31 2.96 1.54
CA GLY A 36 -12.13 1.86 2.52
C GLY A 36 -11.06 2.09 3.61
N VAL A 37 -10.97 1.13 4.54
CA VAL A 37 -9.99 1.17 5.67
C VAL A 37 -8.64 0.48 5.27
N SER A 38 -7.52 1.09 5.69
CA SER A 38 -6.15 0.53 5.52
C SER A 38 -5.49 0.49 6.92
N GLU A 39 -5.55 -0.67 7.56
CA GLU A 39 -5.00 -0.89 8.92
C GLU A 39 -3.48 -1.19 8.95
N ILE A 40 -2.80 -0.75 10.02
CA ILE A 40 -1.39 -1.12 10.29
C ILE A 40 -1.24 -1.24 11.85
N VAL A 41 -0.65 -2.34 12.35
CA VAL A 41 -0.33 -2.53 13.81
C VAL A 41 1.23 -2.56 13.92
N GLN A 42 1.86 -1.50 14.46
CA GLN A 42 3.35 -1.43 14.58
C GLN A 42 3.88 -2.22 15.83
N ASN A 43 4.50 -3.39 15.59
CA ASN A 43 5.09 -4.24 16.68
C ASN A 43 6.65 -4.30 16.52
N GLY A 44 7.34 -3.15 16.70
CA GLY A 44 8.82 -3.06 16.51
C GLY A 44 9.26 -3.22 15.04
N LYS A 45 9.67 -4.44 14.68
CA LYS A 45 9.95 -4.83 13.26
C LYS A 45 8.67 -5.34 12.50
N HIS A 46 7.72 -6.05 13.13
CA HIS A 46 6.54 -6.64 12.45
C HIS A 46 5.33 -5.65 12.38
N PHE A 47 4.99 -5.23 11.16
CA PHE A 47 3.88 -4.28 10.88
C PHE A 47 2.69 -5.10 10.30
N LYS A 48 1.66 -5.38 11.11
CA LYS A 48 0.49 -6.22 10.69
C LYS A 48 -0.59 -5.34 9.99
N PHE A 49 -0.80 -5.57 8.69
CA PHE A 49 -1.80 -4.77 7.92
C PHE A 49 -3.13 -5.50 7.59
N THR A 50 -4.21 -4.71 7.47
CA THR A 50 -5.54 -5.20 6.99
C THR A 50 -5.98 -4.16 5.90
N ILE A 51 -5.68 -4.41 4.61
CA ILE A 51 -5.87 -3.42 3.51
C ILE A 51 -7.13 -3.73 2.64
N THR A 52 -7.93 -2.69 2.37
CA THR A 52 -9.13 -2.80 1.51
C THR A 52 -8.78 -2.43 0.02
N ALA A 53 -8.79 -3.45 -0.83
CA ALA A 53 -8.65 -3.30 -2.30
C ALA A 53 -10.05 -3.29 -2.98
N GLY A 54 -10.81 -2.20 -2.76
CA GLY A 54 -12.22 -2.09 -3.21
C GLY A 54 -13.18 -2.96 -2.38
N SER A 55 -13.45 -4.18 -2.89
CA SER A 55 -14.24 -5.22 -2.18
C SER A 55 -13.37 -6.24 -1.36
N LYS A 56 -12.16 -6.63 -1.83
CA LYS A 56 -11.31 -7.64 -1.13
C LYS A 56 -10.48 -7.06 0.07
N VAL A 57 -10.53 -7.77 1.21
CA VAL A 57 -9.71 -7.44 2.40
C VAL A 57 -8.38 -8.27 2.31
N ILE A 58 -7.26 -7.60 2.01
CA ILE A 58 -5.92 -8.25 1.86
C ILE A 58 -5.15 -8.02 3.19
N GLN A 59 -5.05 -9.07 4.03
CA GLN A 59 -4.35 -8.99 5.34
C GLN A 59 -3.05 -9.85 5.36
N ASN A 60 -1.93 -9.16 5.56
CA ASN A 60 -0.56 -9.76 5.62
C ASN A 60 0.33 -8.89 6.60
N GLU A 61 1.49 -9.40 7.05
CA GLU A 61 2.40 -8.64 7.95
C GLU A 61 3.84 -8.48 7.36
N PHE A 62 4.36 -7.24 7.34
CA PHE A 62 5.72 -6.95 6.84
C PHE A 62 6.76 -6.73 7.98
N THR A 63 7.92 -7.37 7.81
CA THR A 63 9.03 -7.30 8.78
C THR A 63 10.06 -6.25 8.25
N VAL A 64 10.29 -5.16 9.01
CA VAL A 64 11.25 -4.09 8.62
C VAL A 64 12.70 -4.61 8.88
N GLY A 65 13.52 -4.74 7.83
CA GLY A 65 14.90 -5.31 7.95
C GLY A 65 15.10 -6.84 7.71
N GLU A 66 14.05 -7.66 7.67
CA GLU A 66 14.14 -9.11 7.31
C GLU A 66 12.98 -9.52 6.31
N GLU A 67 13.19 -10.57 5.50
CA GLU A 67 12.22 -11.01 4.45
C GLU A 67 10.71 -11.20 4.87
N CYS A 68 9.79 -10.64 4.07
CA CYS A 68 8.33 -10.72 4.33
C CYS A 68 7.49 -10.83 3.02
N GLU A 69 6.68 -11.88 2.96
CA GLU A 69 5.81 -12.21 1.80
C GLU A 69 4.43 -11.47 1.83
N LEU A 70 4.18 -10.64 0.80
CA LEU A 70 2.92 -9.84 0.68
C LEU A 70 2.21 -10.13 -0.67
N GLU A 71 0.87 -10.27 -0.69
CA GLU A 71 0.08 -10.48 -1.95
C GLU A 71 0.10 -9.22 -2.89
N THR A 72 0.27 -9.51 -4.19
CA THR A 72 0.29 -8.51 -5.28
C THR A 72 -1.00 -8.56 -6.15
N MET A 73 -1.25 -7.48 -6.91
CA MET A 73 -2.33 -7.44 -7.93
C MET A 73 -1.98 -8.34 -9.17
N THR A 74 -0.85 -8.08 -9.85
CA THR A 74 -0.31 -9.00 -10.89
C THR A 74 0.82 -9.83 -10.21
N GLY A 75 0.66 -11.16 -10.21
CA GLY A 75 1.66 -12.10 -9.64
C GLY A 75 1.12 -13.23 -8.74
N GLU A 76 1.48 -13.20 -7.45
CA GLU A 76 1.28 -14.34 -6.51
C GLU A 76 1.48 -13.84 -5.04
N LYS A 77 2.74 -13.75 -4.60
CA LYS A 77 3.13 -13.29 -3.25
C LYS A 77 4.64 -12.88 -3.31
N VAL A 78 4.90 -11.58 -3.14
CA VAL A 78 6.27 -11.00 -3.27
C VAL A 78 7.01 -10.85 -1.91
N LYS A 79 8.26 -11.35 -1.82
CA LYS A 79 9.11 -11.14 -0.61
C LYS A 79 9.83 -9.76 -0.72
N THR A 80 9.14 -8.74 -0.18
CA THR A 80 9.53 -7.31 -0.28
C THR A 80 9.91 -6.77 1.14
N VAL A 81 11.21 -6.61 1.44
CA VAL A 81 11.65 -6.04 2.75
C VAL A 81 11.54 -4.49 2.74
N VAL A 82 11.02 -3.93 3.86
CA VAL A 82 10.73 -2.49 3.98
C VAL A 82 11.79 -1.81 4.91
N GLN A 83 12.37 -0.66 4.47
CA GLN A 83 13.33 0.12 5.29
C GLN A 83 12.63 1.42 5.82
N LEU A 84 12.89 1.74 7.10
CA LEU A 84 12.23 2.87 7.80
C LEU A 84 13.22 4.05 8.12
N GLU A 85 12.84 5.28 7.72
CA GLU A 85 13.57 6.53 8.08
C GLU A 85 12.67 7.40 9.02
N GLY A 86 13.23 7.79 10.18
CA GLY A 86 12.58 8.69 11.18
C GLY A 86 11.18 8.39 11.77
N ASP A 87 10.82 7.11 11.84
CA ASP A 87 9.45 6.64 12.23
C ASP A 87 8.24 7.16 11.32
N ASN A 88 8.52 7.52 10.05
CA ASN A 88 7.47 8.02 9.10
C ASN A 88 7.64 7.60 7.59
N LYS A 89 8.86 7.37 7.07
CA LYS A 89 9.07 7.02 5.64
C LYS A 89 9.42 5.51 5.48
N LEU A 90 8.52 4.71 4.89
CA LEU A 90 8.74 3.26 4.64
C LEU A 90 9.01 3.02 3.12
N VAL A 91 10.19 2.49 2.76
CA VAL A 91 10.60 2.27 1.34
C VAL A 91 10.83 0.75 1.03
N THR A 92 10.21 0.20 -0.05
CA THR A 92 10.42 -1.23 -0.46
C THR A 92 10.50 -1.42 -2.02
N THR A 93 10.96 -2.62 -2.42
CA THR A 93 11.08 -3.04 -3.85
C THR A 93 10.05 -4.21 -4.06
N PHE A 94 8.90 -3.92 -4.69
CA PHE A 94 7.79 -4.90 -4.87
C PHE A 94 7.99 -5.75 -6.18
N LYS A 95 6.95 -5.96 -7.03
CA LYS A 95 7.11 -6.65 -8.35
C LYS A 95 7.58 -5.60 -9.41
N ASN A 96 8.89 -5.26 -9.42
CA ASN A 96 9.47 -4.17 -10.25
C ASN A 96 8.84 -2.72 -10.02
N ILE A 97 8.43 -2.43 -8.78
CA ILE A 97 7.74 -1.15 -8.38
C ILE A 97 8.45 -0.64 -7.09
N LYS A 98 8.86 0.64 -7.06
CA LYS A 98 9.44 1.25 -5.83
C LYS A 98 8.28 1.90 -4.99
N SER A 99 7.86 1.19 -3.93
CA SER A 99 6.75 1.63 -3.04
C SER A 99 7.28 2.49 -1.86
N VAL A 100 6.82 3.76 -1.79
CA VAL A 100 7.24 4.74 -0.76
C VAL A 100 5.98 5.12 0.08
N THR A 101 5.89 4.68 1.35
CA THR A 101 4.75 5.03 2.25
C THR A 101 5.19 6.14 3.26
N GLU A 102 4.65 7.38 3.17
CA GLU A 102 5.04 8.47 4.10
C GLU A 102 3.87 8.87 5.05
N LEU A 103 4.20 9.03 6.34
CA LEU A 103 3.24 9.47 7.39
C LEU A 103 3.50 10.97 7.73
N ASN A 104 2.53 11.85 7.42
CA ASN A 104 2.66 13.31 7.72
C ASN A 104 1.73 13.68 8.92
N GLY A 105 2.24 13.48 10.16
CA GLY A 105 1.45 13.71 11.41
C GLY A 105 0.48 12.55 11.70
N ASP A 106 -0.79 12.72 11.31
CA ASP A 106 -1.82 11.64 11.38
C ASP A 106 -2.54 11.36 10.00
N ILE A 107 -1.84 11.55 8.86
CA ILE A 107 -2.33 11.23 7.50
C ILE A 107 -1.21 10.42 6.78
N ILE A 108 -1.54 9.24 6.23
CA ILE A 108 -0.56 8.36 5.54
C ILE A 108 -0.73 8.40 3.98
N THR A 109 0.38 8.49 3.23
CA THR A 109 0.35 8.42 1.75
C THR A 109 1.14 7.18 1.24
N ASN A 110 0.53 6.34 0.40
CA ASN A 110 1.24 5.16 -0.20
C ASN A 110 1.53 5.48 -1.70
N THR A 111 2.80 5.77 -2.03
CA THR A 111 3.22 6.17 -3.41
C THR A 111 3.95 4.99 -4.11
N MET A 112 3.23 4.25 -4.97
CA MET A 112 3.80 3.13 -5.78
C MET A 112 4.32 3.66 -7.13
N THR A 113 5.65 3.80 -7.23
CA THR A 113 6.34 4.37 -8.43
C THR A 113 6.81 3.24 -9.40
N LEU A 114 6.16 3.16 -10.57
CA LEU A 114 6.51 2.20 -11.65
C LEU A 114 7.06 3.00 -12.88
N GLY A 115 8.35 3.42 -12.79
CA GLY A 115 9.00 4.25 -13.84
C GLY A 115 8.42 5.68 -13.98
N ASP A 116 7.48 5.82 -14.91
CA ASP A 116 6.71 7.08 -15.13
C ASP A 116 5.34 7.13 -14.35
N ILE A 117 4.72 5.96 -14.04
CA ILE A 117 3.42 5.88 -13.34
C ILE A 117 3.62 6.07 -11.80
N VAL A 118 2.95 7.07 -11.20
CA VAL A 118 3.05 7.35 -9.73
C VAL A 118 1.66 7.06 -9.08
N PHE A 119 1.40 5.81 -8.63
CA PHE A 119 0.11 5.46 -7.95
C PHE A 119 0.13 5.94 -6.46
N LYS A 120 -0.56 7.06 -6.18
CA LYS A 120 -0.55 7.68 -4.84
C LYS A 120 -1.92 7.62 -4.09
N ARG A 121 -1.98 6.85 -2.99
CA ARG A 121 -3.12 6.90 -2.04
C ARG A 121 -2.88 7.99 -0.94
N ILE A 122 -3.96 8.57 -0.41
CA ILE A 122 -3.90 9.56 0.71
C ILE A 122 -5.03 9.09 1.71
N SER A 123 -4.63 8.54 2.87
CA SER A 123 -5.58 7.99 3.88
C SER A 123 -5.37 8.64 5.29
N LYS A 124 -6.45 8.97 6.02
CA LYS A 124 -6.36 9.62 7.36
C LYS A 124 -6.53 8.61 8.54
N ARG A 125 -5.72 8.77 9.60
CA ARG A 125 -5.73 7.89 10.80
C ARG A 125 -7.07 7.89 11.61
N ILE A 126 -7.63 6.70 11.76
CA ILE A 126 -8.90 6.44 12.50
C ILE A 126 -8.68 5.22 13.47
N SER A 1 4.62 7.22 13.97
CA SER A 1 3.71 6.32 14.72
C SER A 1 2.68 5.68 13.75
N PHE A 2 2.93 4.41 13.37
CA PHE A 2 2.09 3.67 12.37
C PHE A 2 0.87 2.86 12.90
N SER A 3 0.57 2.80 14.21
CA SER A 3 -0.60 2.05 14.73
C SER A 3 -1.96 2.79 14.50
N GLY A 4 -2.87 2.17 13.72
CA GLY A 4 -4.19 2.78 13.41
C GLY A 4 -4.96 2.10 12.24
N LYS A 5 -6.24 2.47 12.12
CA LYS A 5 -7.15 2.02 11.02
C LYS A 5 -7.36 3.23 10.07
N TYR A 6 -6.46 3.42 9.09
CA TYR A 6 -6.42 4.65 8.25
C TYR A 6 -7.45 4.60 7.08
N GLN A 7 -8.53 5.40 7.13
CA GLN A 7 -9.55 5.41 6.03
C GLN A 7 -9.11 6.27 4.79
N LEU A 8 -9.33 5.70 3.59
CA LEU A 8 -8.95 6.33 2.30
C LEU A 8 -9.79 7.60 1.94
N GLN A 9 -9.09 8.66 1.52
CA GLN A 9 -9.69 9.96 1.12
C GLN A 9 -9.50 10.22 -0.40
N SER A 10 -8.25 10.36 -0.86
CA SER A 10 -7.93 10.56 -2.31
C SER A 10 -7.06 9.41 -2.87
N GLN A 11 -7.36 8.96 -4.10
CA GLN A 11 -6.62 7.88 -4.81
C GLN A 11 -6.23 8.43 -6.22
N GLU A 12 -4.92 8.61 -6.48
CA GLU A 12 -4.42 9.29 -7.70
C GLU A 12 -4.37 8.37 -8.97
N ASN A 13 -3.19 7.84 -9.37
CA ASN A 13 -3.04 7.03 -10.61
C ASN A 13 -3.46 5.53 -10.48
N PHE A 14 -4.75 5.28 -10.18
CA PHE A 14 -5.32 3.90 -10.12
C PHE A 14 -5.57 3.31 -11.55
N GLU A 15 -6.36 4.00 -12.40
CA GLU A 15 -6.59 3.63 -13.84
C GLU A 15 -5.30 3.38 -14.69
N ALA A 16 -4.35 4.33 -14.67
CA ALA A 16 -3.03 4.18 -15.36
C ALA A 16 -2.11 3.03 -14.82
N PHE A 17 -2.04 2.81 -13.49
CA PHE A 17 -1.25 1.71 -12.89
C PHE A 17 -1.87 0.29 -13.14
N MET A 18 -3.14 0.06 -12.78
CA MET A 18 -3.82 -1.25 -12.99
C MET A 18 -3.91 -1.71 -14.49
N LYS A 19 -4.18 -0.81 -15.46
CA LYS A 19 -4.02 -1.13 -16.91
C LYS A 19 -2.53 -1.39 -17.32
N ALA A 20 -1.52 -0.60 -16.86
CA ALA A 20 -0.08 -0.91 -17.12
C ALA A 20 0.44 -2.28 -16.55
N ILE A 21 0.01 -2.71 -15.35
CA ILE A 21 0.37 -4.05 -14.79
C ILE A 21 -0.51 -5.26 -15.29
N GLY A 22 -1.58 -5.04 -16.09
CA GLY A 22 -2.43 -6.12 -16.66
C GLY A 22 -3.69 -6.56 -15.89
N LEU A 23 -4.53 -5.60 -15.45
CA LEU A 23 -5.81 -5.92 -14.74
C LEU A 23 -7.12 -5.54 -15.55
N PRO A 24 -8.31 -6.14 -15.28
CA PRO A 24 -9.56 -5.84 -16.03
C PRO A 24 -10.26 -4.51 -15.67
N GLU A 25 -10.73 -3.78 -16.70
CA GLU A 25 -11.47 -2.50 -16.54
C GLU A 25 -12.77 -2.54 -15.66
N GLU A 26 -13.54 -3.64 -15.71
CA GLU A 26 -14.69 -3.91 -14.79
C GLU A 26 -14.30 -3.92 -13.26
N LEU A 27 -13.26 -4.67 -12.85
CA LEU A 27 -12.75 -4.64 -11.44
C LEU A 27 -12.04 -3.28 -11.06
N ILE A 28 -11.29 -2.66 -12.00
CA ILE A 28 -10.66 -1.31 -11.82
C ILE A 28 -11.75 -0.20 -11.58
N GLN A 29 -12.80 -0.12 -12.42
CA GLN A 29 -13.98 0.77 -12.19
C GLN A 29 -14.74 0.56 -10.83
N LYS A 30 -14.69 -0.65 -10.25
CA LYS A 30 -15.23 -0.91 -8.89
C LYS A 30 -14.28 -0.36 -7.77
N GLY A 31 -13.01 -0.81 -7.69
CA GLY A 31 -12.05 -0.32 -6.65
C GLY A 31 -11.46 1.11 -6.73
N LYS A 32 -11.67 1.88 -7.81
CA LYS A 32 -11.13 3.27 -7.94
C LYS A 32 -11.70 4.36 -6.96
N ASP A 33 -13.03 4.38 -6.69
CA ASP A 33 -13.69 5.43 -5.87
C ASP A 33 -14.15 5.00 -4.42
N ILE A 34 -13.95 3.73 -3.99
CA ILE A 34 -14.41 3.23 -2.65
C ILE A 34 -13.47 3.75 -1.51
N LYS A 35 -14.01 4.57 -0.58
CA LYS A 35 -13.24 5.06 0.61
C LYS A 35 -13.15 3.98 1.75
N GLY A 36 -12.31 2.96 1.54
CA GLY A 36 -12.12 1.86 2.51
C GLY A 36 -11.05 2.09 3.61
N VAL A 37 -10.97 1.13 4.54
CA VAL A 37 -9.99 1.16 5.67
C VAL A 37 -8.64 0.48 5.26
N SER A 38 -7.52 1.08 5.68
CA SER A 38 -6.15 0.53 5.52
C SER A 38 -5.49 0.49 6.92
N GLU A 39 -5.55 -0.68 7.56
CA GLU A 39 -5.00 -0.89 8.91
C GLU A 39 -3.48 -1.19 8.95
N ILE A 40 -2.80 -0.76 10.02
CA ILE A 40 -1.39 -1.13 10.29
C ILE A 40 -1.24 -1.24 11.85
N VAL A 41 -0.65 -2.34 12.35
CA VAL A 41 -0.33 -2.54 13.80
C VAL A 41 1.22 -2.57 13.92
N GLN A 42 1.86 -1.51 14.46
CA GLN A 42 3.34 -1.43 14.58
C GLN A 42 3.88 -2.22 15.83
N ASN A 43 4.50 -3.40 15.59
CA ASN A 43 5.09 -4.24 16.68
C ASN A 43 6.65 -4.31 16.52
N GLY A 44 7.34 -3.16 16.70
CA GLY A 44 8.82 -3.06 16.51
C GLY A 44 9.26 -3.23 15.04
N LYS A 45 9.66 -4.45 14.67
CA LYS A 45 9.94 -4.84 13.26
C LYS A 45 8.67 -5.34 12.50
N HIS A 46 7.72 -6.05 13.13
CA HIS A 46 6.53 -6.65 12.45
C HIS A 46 5.33 -5.65 12.38
N PHE A 47 4.99 -5.24 11.16
CA PHE A 47 3.87 -4.29 10.88
C PHE A 47 2.69 -5.10 10.30
N LYS A 48 1.66 -5.38 11.11
CA LYS A 48 0.49 -6.22 10.69
C LYS A 48 -0.58 -5.35 9.99
N PHE A 49 -0.81 -5.56 8.69
CA PHE A 49 -1.80 -4.78 7.91
C PHE A 49 -3.14 -5.50 7.58
N THR A 50 -4.21 -4.71 7.47
CA THR A 50 -5.54 -5.21 6.97
C THR A 50 -5.98 -4.16 5.89
N ILE A 51 -5.68 -4.42 4.61
CA ILE A 51 -5.86 -3.42 3.51
C ILE A 51 -7.12 -3.74 2.64
N THR A 52 -7.93 -2.69 2.37
CA THR A 52 -9.13 -2.80 1.51
C THR A 52 -8.78 -2.43 0.02
N ALA A 53 -8.79 -3.45 -0.83
CA ALA A 53 -8.65 -3.30 -2.30
C ALA A 53 -10.05 -3.29 -2.98
N GLY A 54 -10.81 -2.20 -2.76
CA GLY A 54 -12.22 -2.09 -3.21
C GLY A 54 -13.17 -2.97 -2.38
N SER A 55 -13.45 -4.18 -2.90
CA SER A 55 -14.24 -5.22 -2.19
C SER A 55 -13.37 -6.24 -1.37
N LYS A 56 -12.16 -6.63 -1.83
CA LYS A 56 -11.31 -7.64 -1.15
C LYS A 56 -10.48 -7.07 0.06
N VAL A 57 -10.53 -7.77 1.19
CA VAL A 57 -9.71 -7.44 2.40
C VAL A 57 -8.38 -8.28 2.31
N ILE A 58 -7.26 -7.61 2.00
CA ILE A 58 -5.92 -8.25 1.85
C ILE A 58 -5.14 -8.02 3.19
N GLN A 59 -5.05 -9.07 4.03
CA GLN A 59 -4.35 -8.99 5.34
C GLN A 59 -3.05 -9.85 5.36
N ASN A 60 -1.92 -9.17 5.56
CA ASN A 60 -0.55 -9.76 5.62
C ASN A 60 0.33 -8.90 6.60
N GLU A 61 1.49 -9.41 7.05
CA GLU A 61 2.40 -8.64 7.95
C GLU A 61 3.84 -8.49 7.36
N PHE A 62 4.36 -7.24 7.34
CA PHE A 62 5.72 -6.95 6.84
C PHE A 62 6.76 -6.73 7.98
N THR A 63 7.91 -7.38 7.81
CA THR A 63 9.03 -7.30 8.78
C THR A 63 10.06 -6.26 8.26
N VAL A 64 10.28 -5.16 9.00
CA VAL A 64 11.25 -4.09 8.62
C VAL A 64 12.71 -4.61 8.89
N GLY A 65 13.53 -4.74 7.83
CA GLY A 65 14.90 -5.32 7.95
C GLY A 65 15.10 -6.84 7.71
N GLU A 66 14.05 -7.66 7.67
CA GLU A 66 14.14 -9.12 7.31
C GLU A 66 12.98 -9.52 6.31
N GLU A 67 13.19 -10.57 5.50
CA GLU A 67 12.22 -11.01 4.45
C GLU A 67 10.71 -11.20 4.87
N CYS A 68 9.79 -10.64 4.07
CA CYS A 68 8.33 -10.73 4.33
C CYS A 68 7.49 -10.83 3.02
N GLU A 69 6.68 -11.89 2.96
CA GLU A 69 5.81 -12.21 1.80
C GLU A 69 4.43 -11.47 1.83
N LEU A 70 4.18 -10.64 0.80
CA LEU A 70 2.91 -9.84 0.68
C LEU A 70 2.21 -10.13 -0.69
N GLU A 71 0.86 -10.27 -0.69
CA GLU A 71 0.08 -10.48 -1.95
C GLU A 71 0.10 -9.22 -2.90
N THR A 72 0.27 -9.51 -4.19
CA THR A 72 0.29 -8.49 -5.29
C THR A 72 -0.99 -8.56 -6.16
N MET A 73 -1.24 -7.48 -6.92
CA MET A 73 -2.33 -7.43 -7.94
C MET A 73 -1.98 -8.34 -9.17
N THR A 74 -0.84 -8.08 -9.85
CA THR A 74 -0.30 -8.99 -10.89
C THR A 74 0.82 -9.83 -10.21
N GLY A 75 0.66 -11.16 -10.21
CA GLY A 75 1.66 -12.10 -9.64
C GLY A 75 1.12 -13.23 -8.75
N GLU A 76 1.49 -13.21 -7.45
CA GLU A 76 1.28 -14.34 -6.52
C GLU A 76 1.48 -13.84 -5.05
N LYS A 77 2.74 -13.75 -4.60
CA LYS A 77 3.14 -13.29 -3.26
C LYS A 77 4.64 -12.88 -3.31
N VAL A 78 4.90 -11.58 -3.14
CA VAL A 78 6.27 -11.00 -3.28
C VAL A 78 7.01 -10.85 -1.91
N LYS A 79 8.26 -11.35 -1.82
CA LYS A 79 9.11 -11.14 -0.61
C LYS A 79 9.83 -9.76 -0.72
N THR A 80 9.14 -8.74 -0.18
CA THR A 80 9.53 -7.31 -0.28
C THR A 80 9.91 -6.77 1.14
N VAL A 81 11.21 -6.61 1.44
CA VAL A 81 11.65 -6.04 2.75
C VAL A 81 11.53 -4.48 2.75
N VAL A 82 11.02 -3.93 3.86
CA VAL A 82 10.73 -2.48 3.98
C VAL A 82 11.79 -1.81 4.91
N GLN A 83 12.36 -0.67 4.48
CA GLN A 83 13.33 0.12 5.29
C GLN A 83 12.63 1.42 5.82
N LEU A 84 12.88 1.74 7.10
CA LEU A 84 12.23 2.87 7.80
C LEU A 84 13.20 4.05 8.12
N GLU A 85 12.83 5.28 7.72
CA GLU A 85 13.56 6.52 8.09
C GLU A 85 12.67 7.40 9.02
N GLY A 86 13.24 7.78 10.18
CA GLY A 86 12.57 8.68 11.18
C GLY A 86 11.18 8.38 11.78
N ASP A 87 10.81 7.10 11.85
CA ASP A 87 9.44 6.63 12.23
C ASP A 87 8.25 7.16 11.33
N ASN A 88 8.51 7.52 10.05
CA ASN A 88 7.47 8.01 9.10
C ASN A 88 7.64 7.60 7.61
N LYS A 89 8.86 7.36 7.08
CA LYS A 89 9.07 7.02 5.64
C LYS A 89 9.43 5.51 5.49
N LEU A 90 8.52 4.71 4.89
CA LEU A 90 8.74 3.26 4.64
C LEU A 90 9.01 3.02 3.12
N VAL A 91 10.20 2.49 2.77
CA VAL A 91 10.60 2.27 1.35
C VAL A 91 10.83 0.75 1.03
N THR A 92 10.21 0.20 -0.05
CA THR A 92 10.42 -1.23 -0.46
C THR A 92 10.50 -1.42 -2.02
N THR A 93 10.97 -2.61 -2.41
CA THR A 93 11.08 -3.04 -3.85
C THR A 93 10.06 -4.20 -4.05
N PHE A 94 8.90 -3.91 -4.69
CA PHE A 94 7.79 -4.90 -4.87
C PHE A 94 7.99 -5.75 -6.18
N LYS A 95 6.96 -5.95 -7.03
CA LYS A 95 7.11 -6.65 -8.35
C LYS A 95 7.58 -5.59 -9.40
N ASN A 96 8.89 -5.26 -9.42
CA ASN A 96 9.48 -4.16 -10.24
C ASN A 96 8.84 -2.72 -10.02
N ILE A 97 8.43 -2.43 -8.78
CA ILE A 97 7.74 -1.15 -8.38
C ILE A 97 8.45 -0.64 -7.09
N LYS A 98 8.86 0.64 -7.06
CA LYS A 98 9.45 1.26 -5.83
C LYS A 98 8.28 1.90 -4.99
N SER A 99 7.87 1.19 -3.92
CA SER A 99 6.75 1.63 -3.04
C SER A 99 7.27 2.50 -1.85
N VAL A 100 6.82 3.75 -1.78
CA VAL A 100 7.24 4.74 -0.75
C VAL A 100 5.98 5.12 0.08
N THR A 101 5.89 4.68 1.35
CA THR A 101 4.75 5.02 2.25
C THR A 101 5.19 6.14 3.26
N GLU A 102 4.65 7.38 3.17
CA GLU A 102 5.04 8.47 4.10
C GLU A 102 3.87 8.87 5.06
N LEU A 103 4.19 9.02 6.35
CA LEU A 103 3.23 9.46 7.38
C LEU A 103 3.49 10.96 7.74
N ASN A 104 2.53 11.85 7.42
CA ASN A 104 2.66 13.31 7.72
C ASN A 104 1.72 13.67 8.93
N GLY A 105 2.23 13.49 10.17
CA GLY A 105 1.44 13.70 11.40
C GLY A 105 0.48 12.54 11.71
N ASP A 106 -0.79 12.72 11.32
CA ASP A 106 -1.82 11.63 11.38
C ASP A 106 -2.55 11.36 10.00
N ILE A 107 -1.84 11.55 8.86
CA ILE A 107 -2.33 11.23 7.50
C ILE A 107 -1.21 10.42 6.78
N ILE A 108 -1.54 9.24 6.23
CA ILE A 108 -0.56 8.36 5.54
C ILE A 108 -0.74 8.40 3.99
N THR A 109 0.37 8.49 3.24
CA THR A 109 0.35 8.42 1.75
C THR A 109 1.14 7.18 1.24
N ASN A 110 0.54 6.33 0.40
CA ASN A 110 1.25 5.17 -0.20
C ASN A 110 1.53 5.48 -1.70
N THR A 111 2.80 5.77 -2.03
CA THR A 111 3.21 6.17 -3.40
C THR A 111 3.95 4.99 -4.11
N MET A 112 3.23 4.25 -4.97
CA MET A 112 3.80 3.13 -5.78
C MET A 112 4.32 3.66 -7.13
N THR A 113 5.65 3.80 -7.23
CA THR A 113 6.34 4.38 -8.41
C THR A 113 6.81 3.25 -9.39
N LEU A 114 6.15 3.17 -10.57
CA LEU A 114 6.51 2.20 -11.65
C LEU A 114 7.06 3.00 -12.88
N GLY A 115 8.35 3.42 -12.79
CA GLY A 115 9.00 4.25 -13.84
C GLY A 115 8.43 5.68 -13.97
N ASP A 116 7.49 5.83 -14.91
CA ASP A 116 6.72 7.09 -15.12
C ASP A 116 5.35 7.13 -14.34
N ILE A 117 4.72 5.98 -14.04
CA ILE A 117 3.42 5.88 -13.34
C ILE A 117 3.63 6.08 -11.79
N VAL A 118 2.95 7.06 -11.19
CA VAL A 118 3.06 7.36 -9.73
C VAL A 118 1.67 7.07 -9.06
N PHE A 119 1.39 5.82 -8.62
CA PHE A 119 0.12 5.47 -7.95
C PHE A 119 0.13 5.95 -6.46
N LYS A 120 -0.55 7.07 -6.18
CA LYS A 120 -0.55 7.69 -4.83
C LYS A 120 -1.92 7.62 -4.09
N ARG A 121 -1.98 6.85 -2.99
CA ARG A 121 -3.12 6.90 -2.04
C ARG A 121 -2.88 7.99 -0.94
N ILE A 122 -3.96 8.57 -0.41
CA ILE A 122 -3.91 9.56 0.71
C ILE A 122 -5.03 9.09 1.71
N SER A 123 -4.63 8.54 2.87
CA SER A 123 -5.58 7.99 3.88
C SER A 123 -5.37 8.64 5.29
N LYS A 124 -6.45 8.96 6.02
CA LYS A 124 -6.36 9.62 7.36
C LYS A 124 -6.54 8.60 8.54
N ARG A 125 -5.72 8.77 9.60
CA ARG A 125 -5.73 7.89 10.80
C ARG A 125 -7.07 7.89 11.61
N ILE A 126 -7.64 6.69 11.76
CA ILE A 126 -8.91 6.43 12.50
C ILE A 126 -8.68 5.21 13.47
N SER A 1 4.62 7.22 13.97
CA SER A 1 3.72 6.32 14.72
C SER A 1 2.68 5.68 13.75
N PHE A 2 2.94 4.42 13.35
CA PHE A 2 2.10 3.68 12.37
C PHE A 2 0.88 2.87 12.91
N SER A 3 0.58 2.81 14.21
CA SER A 3 -0.60 2.05 14.74
C SER A 3 -1.96 2.79 14.50
N GLY A 4 -2.87 2.18 13.72
CA GLY A 4 -4.19 2.78 13.41
C GLY A 4 -4.95 2.11 12.24
N LYS A 5 -6.23 2.47 12.12
CA LYS A 5 -7.14 2.01 11.02
C LYS A 5 -7.36 3.23 10.07
N TYR A 6 -6.46 3.42 9.09
CA TYR A 6 -6.41 4.64 8.25
C TYR A 6 -7.45 4.60 7.08
N GLN A 7 -8.53 5.40 7.13
CA GLN A 7 -9.55 5.41 6.03
C GLN A 7 -9.11 6.26 4.79
N LEU A 8 -9.33 5.70 3.59
CA LEU A 8 -8.95 6.33 2.30
C LEU A 8 -9.79 7.60 1.94
N GLN A 9 -9.09 8.66 1.52
CA GLN A 9 -9.69 9.96 1.12
C GLN A 9 -9.51 10.22 -0.39
N SER A 10 -8.25 10.36 -0.86
CA SER A 10 -7.93 10.56 -2.31
C SER A 10 -7.06 9.40 -2.87
N GLN A 11 -7.37 8.95 -4.10
CA GLN A 11 -6.62 7.87 -4.81
C GLN A 11 -6.23 8.42 -6.22
N GLU A 12 -4.92 8.61 -6.48
CA GLU A 12 -4.43 9.29 -7.71
C GLU A 12 -4.37 8.36 -8.97
N ASN A 13 -3.19 7.84 -9.37
CA ASN A 13 -3.05 7.03 -10.62
C ASN A 13 -3.47 5.53 -10.48
N PHE A 14 -4.76 5.27 -10.17
CA PHE A 14 -5.33 3.89 -10.12
C PHE A 14 -5.57 3.31 -11.55
N GLU A 15 -6.37 3.99 -12.40
CA GLU A 15 -6.60 3.62 -13.83
C GLU A 15 -5.31 3.38 -14.70
N ALA A 16 -4.36 4.33 -14.68
CA ALA A 16 -3.05 4.18 -15.37
C ALA A 16 -2.11 3.03 -14.82
N PHE A 17 -2.04 2.81 -13.49
CA PHE A 17 -1.26 1.70 -12.89
C PHE A 17 -1.87 0.29 -13.14
N MET A 18 -3.15 0.05 -12.78
CA MET A 18 -3.83 -1.26 -12.99
C MET A 18 -3.90 -1.71 -14.49
N LYS A 19 -4.18 -0.81 -15.46
CA LYS A 19 -4.03 -1.14 -16.91
C LYS A 19 -2.53 -1.40 -17.32
N ALA A 20 -1.53 -0.61 -16.87
CA ALA A 20 -0.08 -0.92 -17.12
C ALA A 20 0.44 -2.28 -16.55
N ILE A 21 0.01 -2.71 -15.35
CA ILE A 21 0.36 -4.06 -14.79
C ILE A 21 -0.51 -5.27 -15.30
N GLY A 22 -1.58 -5.05 -16.09
CA GLY A 22 -2.43 -6.12 -16.66
C GLY A 22 -3.69 -6.56 -15.89
N LEU A 23 -4.54 -5.61 -15.45
CA LEU A 23 -5.81 -5.93 -14.74
C LEU A 23 -7.11 -5.54 -15.54
N PRO A 24 -8.31 -6.14 -15.27
CA PRO A 24 -9.56 -5.84 -16.03
C PRO A 24 -10.28 -4.51 -15.66
N GLU A 25 -10.73 -3.79 -16.69
CA GLU A 25 -11.47 -2.51 -16.54
C GLU A 25 -12.77 -2.55 -15.66
N GLU A 26 -13.54 -3.66 -15.70
CA GLU A 26 -14.69 -3.92 -14.78
C GLU A 26 -14.30 -3.93 -13.26
N LEU A 27 -13.27 -4.68 -12.84
CA LEU A 27 -12.76 -4.64 -11.44
C LEU A 27 -12.04 -3.29 -11.06
N ILE A 28 -11.29 -2.67 -12.00
CA ILE A 28 -10.67 -1.31 -11.82
C ILE A 28 -11.74 -0.20 -11.57
N GLN A 29 -12.80 -0.13 -12.41
CA GLN A 29 -13.98 0.76 -12.19
C GLN A 29 -14.74 0.54 -10.83
N LYS A 30 -14.69 -0.66 -10.24
CA LYS A 30 -15.23 -0.92 -8.88
C LYS A 30 -14.28 -0.38 -7.76
N GLY A 31 -13.02 -0.82 -7.69
CA GLY A 31 -12.06 -0.33 -6.65
C GLY A 31 -11.46 1.09 -6.73
N LYS A 32 -11.67 1.87 -7.80
CA LYS A 32 -11.14 3.26 -7.93
C LYS A 32 -11.71 4.35 -6.96
N ASP A 33 -13.03 4.37 -6.70
CA ASP A 33 -13.70 5.43 -5.86
C ASP A 33 -14.15 4.99 -4.41
N ILE A 34 -13.95 3.73 -3.98
CA ILE A 34 -14.40 3.23 -2.65
C ILE A 34 -13.47 3.75 -1.50
N LYS A 35 -14.01 4.56 -0.57
CA LYS A 35 -13.24 5.06 0.61
C LYS A 35 -13.15 3.98 1.75
N GLY A 36 -12.31 2.96 1.54
CA GLY A 36 -12.11 1.85 2.52
C GLY A 36 -11.06 2.08 3.61
N VAL A 37 -10.97 1.12 4.54
CA VAL A 37 -9.99 1.16 5.67
C VAL A 37 -8.64 0.48 5.27
N SER A 38 -7.52 1.08 5.68
CA SER A 38 -6.15 0.53 5.52
C SER A 38 -5.49 0.49 6.92
N GLU A 39 -5.55 -0.68 7.55
CA GLU A 39 -5.00 -0.89 8.92
C GLU A 39 -3.48 -1.19 8.95
N ILE A 40 -2.80 -0.75 10.02
CA ILE A 40 -1.39 -1.12 10.29
C ILE A 40 -1.24 -1.24 11.85
N VAL A 41 -0.63 -2.34 12.35
CA VAL A 41 -0.33 -2.53 13.81
C VAL A 41 1.23 -2.56 13.92
N GLN A 42 1.87 -1.50 14.45
CA GLN A 42 3.35 -1.43 14.58
C GLN A 42 3.89 -2.21 15.83
N ASN A 43 4.50 -3.39 15.59
CA ASN A 43 5.09 -4.24 16.68
C ASN A 43 6.65 -4.30 16.52
N GLY A 44 7.35 -3.15 16.70
CA GLY A 44 8.82 -3.06 16.51
C GLY A 44 9.27 -3.22 15.03
N LYS A 45 9.68 -4.45 14.67
CA LYS A 45 9.95 -4.83 13.26
C LYS A 45 8.69 -5.33 12.49
N HIS A 46 7.74 -6.05 13.13
CA HIS A 46 6.54 -6.64 12.45
C HIS A 46 5.34 -5.64 12.37
N PHE A 47 4.99 -5.23 11.16
CA PHE A 47 3.88 -4.28 10.88
C PHE A 47 2.69 -5.10 10.29
N LYS A 48 1.66 -5.38 11.11
CA LYS A 48 0.50 -6.21 10.69
C LYS A 48 -0.57 -5.35 10.00
N PHE A 49 -0.80 -5.57 8.69
CA PHE A 49 -1.79 -4.77 7.91
C PHE A 49 -3.12 -5.50 7.58
N THR A 50 -4.21 -4.71 7.48
CA THR A 50 -5.53 -5.21 6.98
C THR A 50 -5.97 -4.16 5.90
N ILE A 51 -5.67 -4.42 4.62
CA ILE A 51 -5.86 -3.42 3.51
C ILE A 51 -7.12 -3.74 2.64
N THR A 52 -7.93 -2.70 2.38
CA THR A 52 -9.13 -2.80 1.51
C THR A 52 -8.78 -2.43 0.03
N ALA A 53 -8.79 -3.45 -0.83
CA ALA A 53 -8.64 -3.30 -2.30
C ALA A 53 -10.05 -3.30 -2.97
N GLY A 54 -10.81 -2.20 -2.76
CA GLY A 54 -12.21 -2.09 -3.20
C GLY A 54 -13.18 -2.98 -2.39
N SER A 55 -13.45 -4.18 -2.89
CA SER A 55 -14.24 -5.22 -2.18
C SER A 55 -13.37 -6.25 -1.36
N LYS A 56 -12.15 -6.63 -1.82
CA LYS A 56 -11.31 -7.64 -1.14
C LYS A 56 -10.48 -7.07 0.07
N VAL A 57 -10.52 -7.78 1.20
CA VAL A 57 -9.71 -7.44 2.41
C VAL A 57 -8.38 -8.28 2.32
N ILE A 58 -7.26 -7.61 2.01
CA ILE A 58 -5.91 -8.25 1.86
C ILE A 58 -5.14 -8.02 3.19
N GLN A 59 -5.04 -9.07 4.03
CA GLN A 59 -4.35 -9.00 5.35
C GLN A 59 -3.05 -9.86 5.37
N ASN A 60 -1.91 -9.17 5.57
CA ASN A 60 -0.54 -9.77 5.63
C ASN A 60 0.33 -8.89 6.60
N GLU A 61 1.49 -9.40 7.05
CA GLU A 61 2.40 -8.64 7.95
C GLU A 61 3.84 -8.48 7.36
N PHE A 62 4.36 -7.24 7.34
CA PHE A 62 5.73 -6.95 6.84
C PHE A 62 6.76 -6.73 7.98
N THR A 63 7.92 -7.37 7.81
CA THR A 63 9.05 -7.30 8.78
C THR A 63 10.07 -6.25 8.25
N VAL A 64 10.29 -5.16 9.01
CA VAL A 64 11.26 -4.09 8.61
C VAL A 64 12.70 -4.61 8.88
N GLY A 65 13.52 -4.74 7.83
CA GLY A 65 14.90 -5.31 7.94
C GLY A 65 15.12 -6.83 7.71
N GLU A 66 14.05 -7.66 7.67
CA GLU A 66 14.14 -9.11 7.29
C GLU A 66 13.00 -9.51 6.31
N GLU A 67 13.20 -10.57 5.49
CA GLU A 67 12.23 -11.01 4.44
C GLU A 67 10.73 -11.20 4.86
N CYS A 68 9.80 -10.63 4.07
CA CYS A 68 8.33 -10.72 4.33
C CYS A 68 7.50 -10.82 3.02
N GLU A 69 6.68 -11.89 2.96
CA GLU A 69 5.81 -12.21 1.80
C GLU A 69 4.43 -11.47 1.83
N LEU A 70 4.18 -10.63 0.80
CA LEU A 70 2.92 -9.84 0.68
C LEU A 70 2.21 -10.13 -0.68
N GLU A 71 0.87 -10.27 -0.69
CA GLU A 71 0.09 -10.48 -1.94
C GLU A 71 0.10 -9.22 -2.89
N THR A 72 0.27 -9.51 -4.19
CA THR A 72 0.30 -8.50 -5.28
C THR A 72 -0.99 -8.56 -6.16
N MET A 73 -1.25 -7.48 -6.90
CA MET A 73 -2.33 -7.44 -7.93
C MET A 73 -1.98 -8.34 -9.17
N THR A 74 -0.85 -8.08 -9.85
CA THR A 74 -0.30 -8.99 -10.89
C THR A 74 0.82 -9.83 -10.21
N GLY A 75 0.66 -11.16 -10.21
CA GLY A 75 1.66 -12.10 -9.64
C GLY A 75 1.12 -13.23 -8.74
N GLU A 76 1.49 -13.21 -7.45
CA GLU A 76 1.28 -14.34 -6.51
C GLU A 76 1.48 -13.84 -5.04
N LYS A 77 2.74 -13.74 -4.60
CA LYS A 77 3.14 -13.29 -3.26
C LYS A 77 4.64 -12.88 -3.31
N VAL A 78 4.90 -11.58 -3.14
CA VAL A 78 6.27 -11.00 -3.27
C VAL A 78 7.01 -10.85 -1.91
N LYS A 79 8.26 -11.35 -1.82
CA LYS A 79 9.11 -11.14 -0.61
C LYS A 79 9.83 -9.75 -0.72
N THR A 80 9.14 -8.74 -0.19
CA THR A 80 9.53 -7.31 -0.28
C THR A 80 9.91 -6.76 1.13
N VAL A 81 11.22 -6.60 1.42
CA VAL A 81 11.65 -6.04 2.75
C VAL A 81 11.54 -4.49 2.74
N VAL A 82 11.02 -3.93 3.86
CA VAL A 82 10.74 -2.48 3.98
C VAL A 82 11.79 -1.80 4.90
N GLN A 83 12.37 -0.66 4.47
CA GLN A 83 13.33 0.13 5.28
C GLN A 83 12.63 1.42 5.82
N LEU A 84 12.88 1.75 7.09
CA LEU A 84 12.23 2.89 7.79
C LEU A 84 13.21 4.06 8.11
N GLU A 85 12.83 5.29 7.71
CA GLU A 85 13.57 6.53 8.08
C GLU A 85 12.66 7.40 9.02
N GLY A 86 13.24 7.80 10.18
CA GLY A 86 12.58 8.69 11.17
C GLY A 86 11.18 8.39 11.77
N ASP A 87 10.81 7.11 11.85
CA ASP A 87 9.44 6.64 12.22
C ASP A 87 8.24 7.16 11.32
N ASN A 88 8.51 7.52 10.04
CA ASN A 88 7.47 8.02 9.10
C ASN A 88 7.63 7.61 7.60
N LYS A 89 8.86 7.37 7.07
CA LYS A 89 9.07 7.02 5.64
C LYS A 89 9.42 5.51 5.48
N LEU A 90 8.52 4.71 4.89
CA LEU A 90 8.74 3.27 4.64
C LEU A 90 9.01 3.02 3.12
N VAL A 91 10.19 2.49 2.76
CA VAL A 91 10.60 2.27 1.34
C VAL A 91 10.83 0.75 1.03
N THR A 92 10.21 0.22 -0.06
CA THR A 92 10.42 -1.22 -0.47
C THR A 92 10.50 -1.42 -2.02
N THR A 93 10.96 -2.61 -2.42
CA THR A 93 11.08 -3.04 -3.85
C THR A 93 10.06 -4.20 -4.05
N PHE A 94 8.90 -3.91 -4.69
CA PHE A 94 7.79 -4.90 -4.87
C PHE A 94 7.99 -5.75 -6.18
N LYS A 95 6.95 -5.95 -7.03
CA LYS A 95 7.11 -6.65 -8.35
C LYS A 95 7.58 -5.59 -9.40
N ASN A 96 8.89 -5.26 -9.42
CA ASN A 96 9.46 -4.16 -10.25
C ASN A 96 8.84 -2.72 -10.02
N ILE A 97 8.42 -2.42 -8.77
CA ILE A 97 7.74 -1.15 -8.38
C ILE A 97 8.45 -0.64 -7.09
N LYS A 98 8.86 0.64 -7.06
CA LYS A 98 9.44 1.26 -5.82
C LYS A 98 8.28 1.90 -4.99
N SER A 99 7.86 1.19 -3.93
CA SER A 99 6.75 1.63 -3.04
C SER A 99 7.27 2.50 -1.85
N VAL A 100 6.81 3.76 -1.79
CA VAL A 100 7.24 4.74 -0.75
C VAL A 100 5.98 5.12 0.08
N THR A 101 5.89 4.68 1.35
CA THR A 101 4.75 5.03 2.25
C THR A 101 5.19 6.14 3.26
N GLU A 102 4.65 7.38 3.17
CA GLU A 102 5.04 8.47 4.10
C GLU A 102 3.87 8.87 5.06
N LEU A 103 4.19 9.03 6.35
CA LEU A 103 3.23 9.46 7.38
C LEU A 103 3.49 10.97 7.73
N ASN A 104 2.53 11.85 7.42
CA ASN A 104 2.66 13.31 7.72
C ASN A 104 1.72 13.68 8.93
N GLY A 105 2.24 13.48 10.16
CA GLY A 105 1.45 13.71 11.41
C GLY A 105 0.48 12.55 11.70
N ASP A 106 -0.80 12.72 11.31
CA ASP A 106 -1.83 11.63 11.38
C ASP A 106 -2.54 11.36 10.00
N ILE A 107 -1.84 11.55 8.86
CA ILE A 107 -2.33 11.23 7.50
C ILE A 107 -1.21 10.42 6.78
N ILE A 108 -1.54 9.24 6.23
CA ILE A 108 -0.56 8.37 5.53
C ILE A 108 -0.74 8.40 3.99
N THR A 109 0.37 8.49 3.24
CA THR A 109 0.35 8.42 1.75
C THR A 109 1.14 7.18 1.24
N ASN A 110 0.53 6.34 0.40
CA ASN A 110 1.25 5.17 -0.20
C ASN A 110 1.53 5.48 -1.70
N THR A 111 2.80 5.77 -2.03
CA THR A 111 3.21 6.17 -3.40
C THR A 111 3.95 4.99 -4.11
N MET A 112 3.23 4.26 -4.98
CA MET A 112 3.79 3.14 -5.77
C MET A 112 4.32 3.67 -7.14
N THR A 113 5.65 3.80 -7.23
CA THR A 113 6.33 4.37 -8.42
C THR A 113 6.80 3.24 -9.40
N LEU A 114 6.15 3.17 -10.57
CA LEU A 114 6.50 2.20 -11.65
C LEU A 114 7.06 3.00 -12.87
N GLY A 115 8.35 3.42 -12.79
CA GLY A 115 8.99 4.25 -13.85
C GLY A 115 8.42 5.68 -13.98
N ASP A 116 7.48 5.83 -14.92
CA ASP A 116 6.70 7.09 -15.12
C ASP A 116 5.34 7.13 -14.34
N ILE A 117 4.71 5.97 -14.05
CA ILE A 117 3.42 5.88 -13.34
C ILE A 117 3.62 6.07 -11.80
N VAL A 118 2.94 7.07 -11.19
CA VAL A 118 3.05 7.35 -9.73
C VAL A 118 1.66 7.06 -9.07
N PHE A 119 1.39 5.82 -8.63
CA PHE A 119 0.11 5.46 -7.95
C PHE A 119 0.12 5.94 -6.47
N LYS A 120 -0.56 7.06 -6.18
CA LYS A 120 -0.55 7.68 -4.83
C LYS A 120 -1.92 7.62 -4.09
N ARG A 121 -1.98 6.85 -2.99
CA ARG A 121 -3.12 6.89 -2.04
C ARG A 121 -2.88 7.99 -0.94
N ILE A 122 -3.96 8.57 -0.40
CA ILE A 122 -3.91 9.56 0.71
C ILE A 122 -5.03 9.09 1.71
N SER A 123 -4.63 8.54 2.87
CA SER A 123 -5.58 7.99 3.88
C SER A 123 -5.37 8.64 5.29
N LYS A 124 -6.45 8.96 6.02
CA LYS A 124 -6.36 9.62 7.36
C LYS A 124 -6.54 8.60 8.54
N ARG A 125 -5.72 8.77 9.60
CA ARG A 125 -5.73 7.89 10.80
C ARG A 125 -7.07 7.89 11.61
N ILE A 126 -7.64 6.69 11.76
CA ILE A 126 -8.90 6.44 12.50
C ILE A 126 -8.68 5.22 13.47
N SER A 1 4.62 7.23 13.98
CA SER A 1 3.71 6.31 14.72
C SER A 1 2.68 5.67 13.74
N PHE A 2 2.93 4.41 13.37
CA PHE A 2 2.09 3.67 12.37
C PHE A 2 0.87 2.86 12.90
N SER A 3 0.57 2.80 14.21
CA SER A 3 -0.60 2.05 14.73
C SER A 3 -1.96 2.78 14.50
N GLY A 4 -2.87 2.17 13.72
CA GLY A 4 -4.19 2.78 13.41
C GLY A 4 -4.96 2.10 12.24
N LYS A 5 -6.24 2.47 12.12
CA LYS A 5 -7.15 2.01 11.02
C LYS A 5 -7.36 3.22 10.07
N TYR A 6 -6.46 3.41 9.09
CA TYR A 6 -6.42 4.65 8.25
C TYR A 6 -7.45 4.60 7.08
N GLN A 7 -8.54 5.39 7.13
CA GLN A 7 -9.55 5.41 6.03
C GLN A 7 -9.11 6.26 4.79
N LEU A 8 -9.33 5.70 3.59
CA LEU A 8 -8.95 6.33 2.30
C LEU A 8 -9.79 7.60 1.94
N GLN A 9 -9.09 8.66 1.52
CA GLN A 9 -9.69 9.96 1.12
C GLN A 9 -9.50 10.21 -0.40
N SER A 10 -8.25 10.36 -0.86
CA SER A 10 -7.93 10.56 -2.31
C SER A 10 -7.06 9.41 -2.87
N GLN A 11 -7.36 8.96 -4.10
CA GLN A 11 -6.62 7.88 -4.81
C GLN A 11 -6.23 8.43 -6.22
N GLU A 12 -4.92 8.61 -6.48
CA GLU A 12 -4.42 9.29 -7.70
C GLU A 12 -4.37 8.37 -8.97
N ASN A 13 -3.19 7.84 -9.37
CA ASN A 13 -3.04 7.03 -10.61
C ASN A 13 -3.46 5.53 -10.48
N PHE A 14 -4.75 5.28 -10.18
CA PHE A 14 -5.31 3.89 -10.12
C PHE A 14 -5.56 3.31 -11.55
N GLU A 15 -6.36 4.00 -12.40
CA GLU A 15 -6.59 3.63 -13.84
C GLU A 15 -5.30 3.39 -14.69
N ALA A 16 -4.35 4.33 -14.67
CA ALA A 16 -3.03 4.18 -15.36
C ALA A 16 -2.11 3.04 -14.82
N PHE A 17 -2.03 2.82 -13.49
CA PHE A 17 -1.25 1.71 -12.89
C PHE A 17 -1.87 0.30 -13.14
N MET A 18 -3.14 0.06 -12.79
CA MET A 18 -3.81 -1.25 -13.00
C MET A 18 -3.89 -1.70 -14.50
N LYS A 19 -4.18 -0.80 -15.46
CA LYS A 19 -4.02 -1.13 -16.92
C LYS A 19 -2.52 -1.39 -17.33
N ALA A 20 -1.51 -0.60 -16.87
CA ALA A 20 -0.07 -0.90 -17.12
C ALA A 20 0.45 -2.27 -16.55
N ILE A 21 0.01 -2.70 -15.35
CA ILE A 21 0.38 -4.06 -14.79
C ILE A 21 -0.51 -5.26 -15.29
N GLY A 22 -1.57 -5.04 -16.09
CA GLY A 22 -2.42 -6.12 -16.67
C GLY A 22 -3.68 -6.55 -15.89
N LEU A 23 -4.53 -5.60 -15.45
CA LEU A 23 -5.81 -5.92 -14.74
C LEU A 23 -7.10 -5.53 -15.55
N PRO A 24 -8.31 -6.14 -15.28
CA PRO A 24 -9.55 -5.83 -16.03
C PRO A 24 -10.26 -4.50 -15.67
N GLU A 25 -10.73 -3.78 -16.70
CA GLU A 25 -11.47 -2.50 -16.54
C GLU A 25 -12.77 -2.54 -15.66
N GLU A 26 -13.53 -3.65 -15.71
CA GLU A 26 -14.68 -3.91 -14.80
C GLU A 26 -14.30 -3.92 -13.26
N LEU A 27 -13.26 -4.67 -12.85
CA LEU A 27 -12.75 -4.64 -11.44
C LEU A 27 -12.03 -3.29 -11.07
N ILE A 28 -11.29 -2.66 -12.00
CA ILE A 28 -10.66 -1.31 -11.82
C ILE A 28 -11.74 -0.19 -11.58
N GLN A 29 -12.79 -0.12 -12.42
CA GLN A 29 -13.98 0.77 -12.19
C GLN A 29 -14.74 0.56 -10.83
N LYS A 30 -14.69 -0.65 -10.25
CA LYS A 30 -15.23 -0.91 -8.89
C LYS A 30 -14.28 -0.36 -7.77
N GLY A 31 -13.01 -0.81 -7.69
CA GLY A 31 -12.05 -0.33 -6.65
C GLY A 31 -11.46 1.11 -6.73
N LYS A 32 -11.67 1.88 -7.82
CA LYS A 32 -11.13 3.27 -7.94
C LYS A 32 -11.70 4.36 -6.96
N ASP A 33 -13.02 4.37 -6.70
CA ASP A 33 -13.69 5.42 -5.87
C ASP A 33 -14.15 5.00 -4.42
N ILE A 34 -13.95 3.73 -3.99
CA ILE A 34 -14.41 3.23 -2.65
C ILE A 34 -13.47 3.75 -1.51
N LYS A 35 -14.01 4.57 -0.58
CA LYS A 35 -13.24 5.06 0.61
C LYS A 35 -13.15 3.98 1.75
N GLY A 36 -12.31 2.96 1.54
CA GLY A 36 -12.12 1.86 2.51
C GLY A 36 -11.05 2.08 3.61
N VAL A 37 -10.97 1.12 4.54
CA VAL A 37 -9.99 1.16 5.67
C VAL A 37 -8.64 0.47 5.26
N SER A 38 -7.52 1.08 5.68
CA SER A 38 -6.16 0.53 5.52
C SER A 38 -5.49 0.49 6.92
N GLU A 39 -5.55 -0.68 7.55
CA GLU A 39 -5.00 -0.89 8.91
C GLU A 39 -3.48 -1.19 8.95
N ILE A 40 -2.80 -0.76 10.02
CA ILE A 40 -1.39 -1.13 10.29
C ILE A 40 -1.24 -1.24 11.85
N VAL A 41 -0.64 -2.34 12.34
CA VAL A 41 -0.33 -2.54 13.80
C VAL A 41 1.22 -2.57 13.92
N GLN A 42 1.86 -1.51 14.46
CA GLN A 42 3.34 -1.43 14.58
C GLN A 42 3.88 -2.22 15.83
N ASN A 43 4.50 -3.40 15.59
CA ASN A 43 5.09 -4.24 16.68
C ASN A 43 6.65 -4.31 16.52
N GLY A 44 7.34 -3.16 16.71
CA GLY A 44 8.82 -3.06 16.51
C GLY A 44 9.26 -3.23 15.04
N LYS A 45 9.67 -4.45 14.68
CA LYS A 45 9.94 -4.84 13.26
C LYS A 45 8.67 -5.34 12.50
N HIS A 46 7.72 -6.05 13.13
CA HIS A 46 6.53 -6.65 12.45
C HIS A 46 5.33 -5.65 12.38
N PHE A 47 4.99 -5.24 11.16
CA PHE A 47 3.87 -4.29 10.88
C PHE A 47 2.69 -5.10 10.30
N LYS A 48 1.66 -5.39 11.11
CA LYS A 48 0.49 -6.22 10.69
C LYS A 48 -0.58 -5.35 9.99
N PHE A 49 -0.81 -5.56 8.69
CA PHE A 49 -1.80 -4.78 7.91
C PHE A 49 -3.14 -5.50 7.58
N THR A 50 -4.22 -4.72 7.47
CA THR A 50 -5.54 -5.21 6.97
C THR A 50 -5.98 -4.16 5.89
N ILE A 51 -5.68 -4.42 4.61
CA ILE A 51 -5.86 -3.42 3.51
C ILE A 51 -7.12 -3.74 2.64
N THR A 52 -7.93 -2.70 2.37
CA THR A 52 -9.13 -2.80 1.51
C THR A 52 -8.78 -2.43 0.02
N ALA A 53 -8.79 -3.45 -0.83
CA ALA A 53 -8.65 -3.30 -2.30
C ALA A 53 -10.05 -3.29 -2.99
N GLY A 54 -10.81 -2.20 -2.76
CA GLY A 54 -12.22 -2.09 -3.21
C GLY A 54 -13.18 -2.98 -2.39
N SER A 55 -13.44 -4.18 -2.91
CA SER A 55 -14.24 -5.22 -2.19
C SER A 55 -13.37 -6.25 -1.37
N LYS A 56 -12.16 -6.63 -1.83
CA LYS A 56 -11.31 -7.64 -1.15
C LYS A 56 -10.48 -7.07 0.06
N VAL A 57 -10.53 -7.77 1.19
CA VAL A 57 -9.71 -7.44 2.40
C VAL A 57 -8.38 -8.28 2.31
N ILE A 58 -7.26 -7.61 2.00
CA ILE A 58 -5.92 -8.25 1.85
C ILE A 58 -5.14 -8.03 3.18
N GLN A 59 -5.05 -9.07 4.03
CA GLN A 59 -4.35 -8.99 5.34
C GLN A 59 -3.05 -9.86 5.36
N ASN A 60 -1.92 -9.17 5.56
CA ASN A 60 -0.55 -9.77 5.62
C ASN A 60 0.32 -8.90 6.59
N GLU A 61 1.49 -9.41 7.05
CA GLU A 61 2.40 -8.64 7.95
C GLU A 61 3.84 -8.49 7.36
N PHE A 62 4.35 -7.25 7.34
CA PHE A 62 5.72 -6.95 6.84
C PHE A 62 6.76 -6.74 7.97
N THR A 63 7.91 -7.38 7.81
CA THR A 63 9.03 -7.30 8.78
C THR A 63 10.06 -6.26 8.26
N VAL A 64 10.28 -5.16 9.00
CA VAL A 64 11.25 -4.09 8.62
C VAL A 64 12.71 -4.61 8.89
N GLY A 65 13.53 -4.74 7.83
CA GLY A 65 14.90 -5.32 7.95
C GLY A 65 15.10 -6.84 7.71
N GLU A 66 14.04 -7.67 7.66
CA GLU A 66 14.14 -9.12 7.31
C GLU A 66 12.98 -9.52 6.31
N GLU A 67 13.19 -10.57 5.50
CA GLU A 67 12.22 -11.01 4.45
C GLU A 67 10.71 -11.20 4.87
N CYS A 68 9.79 -10.64 4.06
CA CYS A 68 8.33 -10.73 4.33
C CYS A 68 7.49 -10.83 3.02
N GLU A 69 6.68 -11.89 2.96
CA GLU A 69 5.81 -12.21 1.80
C GLU A 69 4.43 -11.47 1.83
N LEU A 70 4.18 -10.64 0.80
CA LEU A 70 2.91 -9.84 0.68
C LEU A 70 2.21 -10.13 -0.69
N GLU A 71 0.86 -10.27 -0.69
CA GLU A 71 0.08 -10.48 -1.95
C GLU A 71 0.10 -9.22 -2.90
N THR A 72 0.27 -9.51 -4.19
CA THR A 72 0.29 -8.49 -5.29
C THR A 72 -1.00 -8.56 -6.17
N MET A 73 -1.24 -7.47 -6.91
CA MET A 73 -2.33 -7.44 -7.95
C MET A 73 -1.98 -8.34 -9.17
N THR A 74 -0.84 -8.08 -9.85
CA THR A 74 -0.30 -8.99 -10.91
C THR A 74 0.83 -9.82 -10.21
N GLY A 75 0.66 -11.16 -10.21
CA GLY A 75 1.66 -12.10 -9.64
C GLY A 75 1.12 -13.23 -8.75
N GLU A 76 1.49 -13.21 -7.45
CA GLU A 76 1.28 -14.34 -6.52
C GLU A 76 1.48 -13.84 -5.05
N LYS A 77 2.74 -13.74 -4.61
CA LYS A 77 3.14 -13.29 -3.26
C LYS A 77 4.64 -12.88 -3.31
N VAL A 78 4.90 -11.58 -3.14
CA VAL A 78 6.27 -11.00 -3.28
C VAL A 78 7.01 -10.85 -1.91
N LYS A 79 8.26 -11.35 -1.82
CA LYS A 79 9.11 -11.14 -0.61
C LYS A 79 9.83 -9.76 -0.72
N THR A 80 9.14 -8.74 -0.18
CA THR A 80 9.53 -7.31 -0.28
C THR A 80 9.91 -6.77 1.14
N VAL A 81 11.21 -6.60 1.44
CA VAL A 81 11.65 -6.04 2.75
C VAL A 81 11.53 -4.48 2.75
N VAL A 82 11.02 -3.93 3.86
CA VAL A 82 10.73 -2.48 3.98
C VAL A 82 11.79 -1.81 4.91
N GLN A 83 12.36 -0.67 4.48
CA GLN A 83 13.33 0.12 5.29
C GLN A 83 12.63 1.42 5.82
N LEU A 84 12.88 1.74 7.10
CA LEU A 84 12.23 2.87 7.80
C LEU A 84 13.20 4.05 8.12
N GLU A 85 12.83 5.28 7.72
CA GLU A 85 13.56 6.52 8.09
C GLU A 85 12.67 7.40 9.02
N GLY A 86 13.24 7.78 10.18
CA GLY A 86 12.57 8.68 11.18
C GLY A 86 11.18 8.38 11.78
N ASP A 87 10.81 7.10 11.85
CA ASP A 87 9.44 6.63 12.23
C ASP A 87 8.25 7.16 11.33
N ASN A 88 8.51 7.52 10.05
CA ASN A 88 7.47 8.01 9.12
C ASN A 88 7.63 7.59 7.60
N LYS A 89 8.86 7.36 7.08
CA LYS A 89 9.07 7.02 5.64
C LYS A 89 9.43 5.51 5.49
N LEU A 90 8.52 4.71 4.89
CA LEU A 90 8.73 3.26 4.64
C LEU A 90 9.01 3.02 3.12
N VAL A 91 10.20 2.49 2.77
CA VAL A 91 10.60 2.27 1.35
C VAL A 91 10.83 0.75 1.03
N THR A 92 10.21 0.20 -0.05
CA THR A 92 10.41 -1.22 -0.46
C THR A 92 10.50 -1.42 -2.02
N THR A 93 10.97 -2.61 -2.41
CA THR A 93 11.08 -3.04 -3.85
C THR A 93 10.06 -4.20 -4.05
N PHE A 94 8.90 -3.91 -4.69
CA PHE A 94 7.80 -4.89 -4.87
C PHE A 94 7.99 -5.74 -6.18
N LYS A 95 6.96 -5.95 -7.03
CA LYS A 95 7.11 -6.65 -8.35
C LYS A 95 7.58 -5.59 -9.40
N ASN A 96 8.89 -5.25 -9.41
CA ASN A 96 9.47 -4.15 -10.24
C ASN A 96 8.84 -2.72 -10.02
N ILE A 97 8.43 -2.41 -8.77
CA ILE A 97 7.74 -1.14 -8.38
C ILE A 97 8.46 -0.63 -7.08
N LYS A 98 8.86 0.65 -7.06
CA LYS A 98 9.44 1.26 -5.82
C LYS A 98 8.28 1.90 -4.99
N SER A 99 7.86 1.19 -3.91
CA SER A 99 6.75 1.63 -3.04
C SER A 99 7.27 2.50 -1.85
N VAL A 100 6.82 3.76 -1.78
CA VAL A 100 7.24 4.74 -0.75
C VAL A 100 5.98 5.12 0.10
N THR A 101 5.89 4.68 1.35
CA THR A 101 4.75 5.02 2.25
C THR A 101 5.19 6.14 3.26
N GLU A 102 4.65 7.38 3.17
CA GLU A 102 5.04 8.47 4.10
C GLU A 102 3.87 8.87 5.06
N LEU A 103 4.19 9.02 6.35
CA LEU A 103 3.22 9.46 7.39
C LEU A 103 3.49 10.96 7.74
N ASN A 104 2.54 11.85 7.43
CA ASN A 104 2.65 13.31 7.73
C ASN A 104 1.72 13.67 8.93
N GLY A 105 2.23 13.49 10.17
CA GLY A 105 1.44 13.71 11.41
C GLY A 105 0.47 12.54 11.71
N ASP A 106 -0.79 12.72 11.32
CA ASP A 106 -1.83 11.63 11.39
C ASP A 106 -2.55 11.36 10.00
N ILE A 107 -1.84 11.56 8.87
CA ILE A 107 -2.33 11.23 7.50
C ILE A 107 -1.21 10.42 6.78
N ILE A 108 -1.54 9.24 6.23
CA ILE A 108 -0.56 8.36 5.54
C ILE A 108 -0.74 8.40 3.99
N THR A 109 0.37 8.49 3.24
CA THR A 109 0.35 8.42 1.75
C THR A 109 1.14 7.18 1.24
N ASN A 110 0.54 6.33 0.40
CA ASN A 110 1.25 5.17 -0.20
C ASN A 110 1.53 5.48 -1.70
N THR A 111 2.80 5.77 -2.03
CA THR A 111 3.21 6.17 -3.40
C THR A 111 3.95 4.99 -4.11
N MET A 112 3.24 4.26 -4.97
CA MET A 112 3.79 3.14 -5.77
C MET A 112 4.33 3.67 -7.13
N THR A 113 5.66 3.80 -7.22
CA THR A 113 6.34 4.38 -8.41
C THR A 113 6.81 3.25 -9.39
N LEU A 114 6.16 3.17 -10.56
CA LEU A 114 6.51 2.21 -11.64
C LEU A 114 7.07 3.01 -12.87
N GLY A 115 8.35 3.43 -12.79
CA GLY A 115 9.00 4.25 -13.84
C GLY A 115 8.43 5.69 -13.97
N ASP A 116 7.49 5.83 -14.91
CA ASP A 116 6.71 7.09 -15.11
C ASP A 116 5.35 7.14 -14.33
N ILE A 117 4.72 5.98 -14.04
CA ILE A 117 3.42 5.89 -13.33
C ILE A 117 3.63 6.08 -11.79
N VAL A 118 2.95 7.07 -11.18
CA VAL A 118 3.06 7.36 -9.73
C VAL A 118 1.67 7.07 -9.06
N PHE A 119 1.40 5.83 -8.62
CA PHE A 119 0.12 5.47 -7.95
C PHE A 119 0.13 5.95 -6.46
N LYS A 120 -0.55 7.07 -6.18
CA LYS A 120 -0.55 7.69 -4.83
C LYS A 120 -1.91 7.62 -4.08
N ARG A 121 -1.98 6.85 -2.99
CA ARG A 121 -3.12 6.90 -2.04
C ARG A 121 -2.88 7.99 -0.94
N ILE A 122 -3.96 8.57 -0.40
CA ILE A 122 -3.91 9.56 0.71
C ILE A 122 -5.03 9.09 1.71
N SER A 123 -4.63 8.54 2.87
CA SER A 123 -5.58 7.99 3.89
C SER A 123 -5.37 8.63 5.29
N LYS A 124 -6.46 8.96 6.03
CA LYS A 124 -6.37 9.61 7.35
C LYS A 124 -6.54 8.60 8.54
N ARG A 125 -5.72 8.77 9.60
CA ARG A 125 -5.74 7.89 10.80
C ARG A 125 -7.07 7.88 11.61
N ILE A 126 -7.65 6.69 11.76
CA ILE A 126 -8.91 6.43 12.50
C ILE A 126 -8.68 5.21 13.47
N SER A 1 4.63 7.19 14.01
CA SER A 1 3.71 6.29 14.74
C SER A 1 2.68 5.65 13.77
N PHE A 2 2.93 4.40 13.39
CA PHE A 2 2.10 3.66 12.39
C PHE A 2 0.86 2.85 12.91
N SER A 3 0.56 2.79 14.22
CA SER A 3 -0.62 2.03 14.74
C SER A 3 -1.97 2.78 14.48
N GLY A 4 -2.89 2.17 13.72
CA GLY A 4 -4.21 2.78 13.39
C GLY A 4 -4.97 2.11 12.23
N LYS A 5 -6.26 2.48 12.10
CA LYS A 5 -7.16 2.03 11.01
C LYS A 5 -7.36 3.24 10.04
N TYR A 6 -6.46 3.42 9.07
CA TYR A 6 -6.41 4.65 8.22
C TYR A 6 -7.45 4.61 7.06
N GLN A 7 -8.53 5.41 7.11
CA GLN A 7 -9.54 5.43 6.00
C GLN A 7 -9.11 6.28 4.77
N LEU A 8 -9.32 5.74 3.56
CA LEU A 8 -8.94 6.37 2.28
C LEU A 8 -9.78 7.64 1.94
N GLN A 9 -9.07 8.70 1.52
CA GLN A 9 -9.68 10.00 1.14
C GLN A 9 -9.49 10.27 -0.39
N SER A 10 -8.23 10.40 -0.86
CA SER A 10 -7.91 10.62 -2.29
C SER A 10 -7.05 9.45 -2.87
N GLN A 11 -7.37 9.01 -4.10
CA GLN A 11 -6.63 7.93 -4.81
C GLN A 11 -6.24 8.48 -6.22
N GLU A 12 -4.92 8.64 -6.49
CA GLU A 12 -4.42 9.31 -7.73
C GLU A 12 -4.38 8.37 -8.98
N ASN A 13 -3.20 7.85 -9.39
CA ASN A 13 -3.07 7.03 -10.63
C ASN A 13 -3.49 5.53 -10.49
N PHE A 14 -4.77 5.28 -10.18
CA PHE A 14 -5.35 3.90 -10.12
C PHE A 14 -5.60 3.31 -11.56
N GLU A 15 -6.38 4.00 -12.41
CA GLU A 15 -6.62 3.62 -13.84
C GLU A 15 -5.33 3.39 -14.70
N ALA A 16 -4.37 4.33 -14.68
CA ALA A 16 -3.06 4.18 -15.37
C ALA A 16 -2.14 3.03 -14.84
N PHE A 17 -2.06 2.81 -13.51
CA PHE A 17 -1.28 1.70 -12.91
C PHE A 17 -1.89 0.29 -13.15
N MET A 18 -3.17 0.06 -12.80
CA MET A 18 -3.85 -1.25 -13.01
C MET A 18 -3.93 -1.71 -14.51
N LYS A 19 -4.21 -0.81 -15.48
CA LYS A 19 -4.05 -1.13 -16.93
C LYS A 19 -2.56 -1.39 -17.34
N ALA A 20 -1.55 -0.60 -16.89
CA ALA A 20 -0.11 -0.90 -17.13
C ALA A 20 0.41 -2.28 -16.58
N ILE A 21 -0.02 -2.72 -15.37
CA ILE A 21 0.33 -4.07 -14.81
C ILE A 21 -0.55 -5.27 -15.33
N GLY A 22 -1.60 -5.04 -16.12
CA GLY A 22 -2.45 -6.12 -16.70
C GLY A 22 -3.72 -6.56 -15.93
N LEU A 23 -4.57 -5.61 -15.48
CA LEU A 23 -5.85 -5.92 -14.77
C LEU A 23 -7.15 -5.54 -15.57
N PRO A 24 -8.35 -6.14 -15.29
CA PRO A 24 -9.60 -5.82 -16.05
C PRO A 24 -10.30 -4.50 -15.69
N GLU A 25 -10.76 -3.77 -16.72
CA GLU A 25 -11.50 -2.49 -16.56
C GLU A 25 -12.79 -2.53 -15.67
N GLU A 26 -13.57 -3.63 -15.72
CA GLU A 26 -14.72 -3.90 -14.80
C GLU A 26 -14.33 -3.91 -13.28
N LEU A 27 -13.31 -4.67 -12.86
CA LEU A 27 -12.79 -4.63 -11.45
C LEU A 27 -12.07 -3.27 -11.08
N ILE A 28 -11.32 -2.65 -12.02
CA ILE A 28 -10.69 -1.30 -11.83
C ILE A 28 -11.77 -0.18 -11.59
N GLN A 29 -12.82 -0.11 -12.44
CA GLN A 29 -14.00 0.78 -12.20
C GLN A 29 -14.77 0.57 -10.84
N LYS A 30 -14.72 -0.63 -10.25
CA LYS A 30 -15.26 -0.89 -8.89
C LYS A 30 -14.31 -0.35 -7.77
N GLY A 31 -13.03 -0.80 -7.71
CA GLY A 31 -12.08 -0.31 -6.67
C GLY A 31 -11.48 1.12 -6.75
N LYS A 32 -11.69 1.89 -7.83
CA LYS A 32 -11.15 3.28 -7.95
C LYS A 32 -11.73 4.38 -6.99
N ASP A 33 -13.05 4.39 -6.73
CA ASP A 33 -13.72 5.44 -5.89
C ASP A 33 -14.16 5.01 -4.44
N ILE A 34 -13.96 3.75 -4.00
CA ILE A 34 -14.41 3.26 -2.67
C ILE A 34 -13.47 3.78 -1.52
N LYS A 35 -14.01 4.60 -0.59
CA LYS A 35 -13.24 5.09 0.58
C LYS A 35 -13.13 4.00 1.72
N GLY A 36 -12.30 2.98 1.50
CA GLY A 36 -12.10 1.88 2.49
C GLY A 36 -11.04 2.10 3.57
N VAL A 37 -10.97 1.15 4.52
CA VAL A 37 -9.99 1.18 5.65
C VAL A 37 -8.64 0.49 5.24
N SER A 38 -7.52 1.09 5.68
CA SER A 38 -6.15 0.53 5.51
C SER A 38 -5.49 0.49 6.91
N GLU A 39 -5.56 -0.68 7.55
CA GLU A 39 -5.03 -0.90 8.91
C GLU A 39 -3.51 -1.20 8.95
N ILE A 40 -2.83 -0.78 10.04
CA ILE A 40 -1.42 -1.15 10.32
C ILE A 40 -1.29 -1.27 11.89
N VAL A 41 -0.68 -2.35 12.39
CA VAL A 41 -0.36 -2.54 13.83
C VAL A 41 1.19 -2.58 13.95
N GLN A 42 1.83 -1.53 14.49
CA GLN A 42 3.32 -1.47 14.61
C GLN A 42 3.85 -2.25 15.85
N ASN A 43 4.48 -3.42 15.63
CA ASN A 43 5.07 -4.26 16.72
C ASN A 43 6.63 -4.33 16.55
N GLY A 44 7.33 -3.19 16.74
CA GLY A 44 8.81 -3.09 16.55
C GLY A 44 9.25 -3.25 15.08
N LYS A 45 9.68 -4.48 14.72
CA LYS A 45 9.96 -4.85 13.30
C LYS A 45 8.69 -5.36 12.53
N HIS A 46 7.74 -6.08 13.17
CA HIS A 46 6.54 -6.67 12.50
C HIS A 46 5.34 -5.69 12.43
N PHE A 47 4.98 -5.28 11.21
CA PHE A 47 3.86 -4.33 10.96
C PHE A 47 2.68 -5.14 10.36
N LYS A 48 1.64 -5.41 11.16
CA LYS A 48 0.47 -6.23 10.73
C LYS A 48 -0.61 -5.37 10.03
N PHE A 49 -0.85 -5.59 8.74
CA PHE A 49 -1.84 -4.80 7.96
C PHE A 49 -3.16 -5.53 7.60
N THR A 50 -4.25 -4.74 7.49
CA THR A 50 -5.56 -5.23 6.99
C THR A 50 -6.00 -4.18 5.91
N ILE A 51 -5.71 -4.43 4.61
CA ILE A 51 -5.88 -3.43 3.51
C ILE A 51 -7.14 -3.74 2.65
N THR A 52 -7.94 -2.71 2.37
CA THR A 52 -9.14 -2.80 1.50
C THR A 52 -8.80 -2.43 0.02
N ALA A 53 -8.82 -3.46 -0.85
CA ALA A 53 -8.67 -3.30 -2.32
C ALA A 53 -10.08 -3.30 -3.00
N GLY A 54 -10.83 -2.21 -2.77
CA GLY A 54 -12.24 -2.10 -3.23
C GLY A 54 -13.21 -2.98 -2.41
N SER A 55 -13.46 -4.19 -2.91
CA SER A 55 -14.26 -5.23 -2.19
C SER A 55 -13.38 -6.26 -1.38
N LYS A 56 -12.17 -6.65 -1.85
CA LYS A 56 -11.32 -7.66 -1.16
C LYS A 56 -10.50 -7.08 0.04
N VAL A 57 -10.54 -7.79 1.18
CA VAL A 57 -9.73 -7.45 2.39
C VAL A 57 -8.40 -8.29 2.30
N ILE A 58 -7.27 -7.61 1.99
CA ILE A 58 -5.94 -8.26 1.85
C ILE A 58 -5.16 -8.03 3.18
N GLN A 59 -5.04 -9.08 4.00
CA GLN A 59 -4.34 -9.00 5.32
C GLN A 59 -3.04 -9.85 5.34
N ASN A 60 -1.91 -9.17 5.55
CA ASN A 60 -0.54 -9.77 5.63
C ASN A 60 0.33 -8.91 6.62
N GLU A 61 1.48 -9.43 7.09
CA GLU A 61 2.39 -8.68 8.00
C GLU A 61 3.82 -8.53 7.42
N PHE A 62 4.35 -7.29 7.41
CA PHE A 62 5.71 -7.00 6.89
C PHE A 62 6.76 -6.77 8.03
N THR A 63 7.93 -7.39 7.84
CA THR A 63 9.05 -7.31 8.79
C THR A 63 10.07 -6.25 8.26
N VAL A 64 10.29 -5.16 9.01
CA VAL A 64 11.26 -4.09 8.63
C VAL A 64 12.71 -4.60 8.90
N GLY A 65 13.53 -4.74 7.85
CA GLY A 65 14.90 -5.30 7.97
C GLY A 65 15.11 -6.83 7.73
N GLU A 66 14.04 -7.65 7.67
CA GLU A 66 14.13 -9.10 7.29
C GLU A 66 12.98 -9.49 6.30
N GLU A 67 13.18 -10.56 5.50
CA GLU A 67 12.22 -11.00 4.44
C GLU A 67 10.71 -11.18 4.85
N CYS A 68 9.79 -10.63 4.05
CA CYS A 68 8.32 -10.72 4.30
C CYS A 68 7.50 -10.86 2.99
N GLU A 69 6.75 -11.96 2.91
CA GLU A 69 5.88 -12.31 1.75
C GLU A 69 4.50 -11.59 1.78
N LEU A 70 4.23 -10.74 0.77
CA LEU A 70 2.98 -9.92 0.68
C LEU A 70 2.25 -10.14 -0.68
N GLU A 71 0.92 -10.26 -0.68
CA GLU A 71 0.12 -10.44 -1.94
C GLU A 71 0.13 -9.16 -2.86
N THR A 72 0.21 -9.45 -4.17
CA THR A 72 0.23 -8.44 -5.26
C THR A 72 -1.06 -8.54 -6.16
N MET A 73 -1.29 -7.47 -6.93
CA MET A 73 -2.38 -7.46 -7.97
C MET A 73 -1.99 -8.37 -9.19
N THR A 74 -0.86 -8.07 -9.88
CA THR A 74 -0.29 -8.97 -10.92
C THR A 74 0.85 -9.78 -10.21
N GLY A 75 0.72 -11.11 -10.21
CA GLY A 75 1.73 -12.03 -9.62
C GLY A 75 1.19 -13.17 -8.74
N GLU A 76 1.54 -13.16 -7.45
CA GLU A 76 1.33 -14.30 -6.52
C GLU A 76 1.53 -13.81 -5.04
N LYS A 77 2.79 -13.72 -4.60
CA LYS A 77 3.19 -13.29 -3.25
C LYS A 77 4.69 -12.87 -3.29
N VAL A 78 4.97 -11.58 -3.13
CA VAL A 78 6.33 -11.00 -3.26
C VAL A 78 7.08 -10.85 -1.91
N LYS A 79 8.33 -11.36 -1.82
CA LYS A 79 9.18 -11.16 -0.61
C LYS A 79 9.90 -9.77 -0.71
N THR A 80 9.20 -8.75 -0.19
CA THR A 80 9.60 -7.31 -0.28
C THR A 80 9.96 -6.77 1.14
N VAL A 81 11.25 -6.59 1.43
CA VAL A 81 11.68 -6.03 2.75
C VAL A 81 11.56 -4.47 2.75
N VAL A 82 11.04 -3.92 3.85
CA VAL A 82 10.74 -2.47 3.97
C VAL A 82 11.79 -1.78 4.90
N GLN A 83 12.37 -0.65 4.46
CA GLN A 83 13.33 0.15 5.28
C GLN A 83 12.62 1.43 5.81
N LEU A 84 12.88 1.75 7.08
CA LEU A 84 12.22 2.88 7.79
C LEU A 84 13.20 4.05 8.13
N GLU A 85 12.83 5.29 7.73
CA GLU A 85 13.56 6.53 8.10
C GLU A 85 12.67 7.40 9.05
N GLY A 86 13.24 7.77 10.20
CA GLY A 86 12.58 8.66 11.21
C GLY A 86 11.19 8.36 11.81
N ASP A 87 10.81 7.08 11.86
CA ASP A 87 9.44 6.61 12.23
C ASP A 87 8.25 7.15 11.32
N ASN A 88 8.53 7.49 10.04
CA ASN A 88 7.49 7.99 9.09
C ASN A 88 7.66 7.57 7.59
N LYS A 89 8.87 7.34 7.06
CA LYS A 89 9.07 6.99 5.62
C LYS A 89 9.41 5.47 5.47
N LEU A 90 8.48 4.68 4.90
CA LEU A 90 8.68 3.23 4.64
C LEU A 90 8.94 2.99 3.12
N VAL A 91 10.15 2.50 2.77
CA VAL A 91 10.56 2.29 1.34
C VAL A 91 10.81 0.77 1.02
N THR A 92 10.22 0.23 -0.07
CA THR A 92 10.44 -1.20 -0.47
C THR A 92 10.55 -1.40 -2.03
N THR A 93 11.01 -2.59 -2.43
CA THR A 93 11.14 -3.02 -3.85
C THR A 93 10.13 -4.19 -4.07
N PHE A 94 8.98 -3.90 -4.71
CA PHE A 94 7.87 -4.89 -4.89
C PHE A 94 8.06 -5.74 -6.20
N LYS A 95 7.00 -5.96 -7.02
CA LYS A 95 7.13 -6.65 -8.35
C LYS A 95 7.57 -5.59 -9.42
N ASN A 96 8.87 -5.24 -9.46
CA ASN A 96 9.42 -4.14 -10.31
C ASN A 96 8.79 -2.70 -10.06
N ILE A 97 8.38 -2.41 -8.82
CA ILE A 97 7.69 -1.15 -8.41
C ILE A 97 8.41 -0.64 -7.12
N LYS A 98 8.83 0.64 -7.09
CA LYS A 98 9.43 1.24 -5.86
C LYS A 98 8.28 1.89 -5.03
N SER A 99 7.86 1.19 -3.95
CA SER A 99 6.76 1.65 -3.07
C SER A 99 7.30 2.52 -1.89
N VAL A 100 6.89 3.80 -1.87
CA VAL A 100 7.31 4.80 -0.85
C VAL A 100 6.04 5.17 -0.02
N THR A 101 5.95 4.73 1.25
CA THR A 101 4.77 5.02 2.11
C THR A 101 5.19 6.09 3.20
N GLU A 102 4.68 7.34 3.12
CA GLU A 102 5.06 8.41 4.08
C GLU A 102 3.89 8.80 5.04
N LEU A 103 4.22 8.96 6.33
CA LEU A 103 3.25 9.40 7.37
C LEU A 103 3.51 10.91 7.71
N ASN A 104 2.55 11.80 7.41
CA ASN A 104 2.67 13.25 7.71
C ASN A 104 1.74 13.61 8.92
N GLY A 105 2.25 13.42 10.15
CA GLY A 105 1.47 13.65 11.40
C GLY A 105 0.49 12.49 11.68
N ASP A 106 -0.78 12.67 11.30
CA ASP A 106 -1.81 11.59 11.36
C ASP A 106 -2.53 11.31 9.98
N ILE A 107 -1.82 11.50 8.85
CA ILE A 107 -2.30 11.17 7.48
C ILE A 107 -1.18 10.36 6.76
N ILE A 108 -1.51 9.19 6.21
CA ILE A 108 -0.53 8.31 5.51
C ILE A 108 -0.72 8.36 3.95
N THR A 109 0.39 8.50 3.21
CA THR A 109 0.36 8.44 1.72
C THR A 109 1.13 7.18 1.22
N ASN A 110 0.52 6.37 0.35
CA ASN A 110 1.21 5.18 -0.24
C ASN A 110 1.52 5.48 -1.74
N THR A 111 2.79 5.79 -2.04
CA THR A 111 3.22 6.19 -3.42
C THR A 111 3.96 5.01 -4.13
N MET A 112 3.24 4.29 -5.00
CA MET A 112 3.79 3.15 -5.79
C MET A 112 4.30 3.67 -7.16
N THR A 113 5.63 3.80 -7.26
CA THR A 113 6.32 4.36 -8.45
C THR A 113 6.78 3.22 -9.42
N LEU A 114 6.12 3.15 -10.60
CA LEU A 114 6.46 2.18 -11.68
C LEU A 114 7.03 2.99 -12.90
N GLY A 115 8.31 3.40 -12.82
CA GLY A 115 8.97 4.23 -13.87
C GLY A 115 8.39 5.67 -13.99
N ASP A 116 7.46 5.82 -14.94
CA ASP A 116 6.69 7.09 -15.14
C ASP A 116 5.32 7.13 -14.36
N ILE A 117 4.70 5.97 -14.06
CA ILE A 117 3.39 5.87 -13.36
C ILE A 117 3.61 6.07 -11.81
N VAL A 118 2.92 7.06 -11.21
CA VAL A 118 3.04 7.35 -9.75
C VAL A 118 1.64 7.06 -9.09
N PHE A 119 1.37 5.81 -8.64
CA PHE A 119 0.09 5.46 -7.96
C PHE A 119 0.11 5.94 -6.48
N LYS A 120 -0.57 7.06 -6.20
CA LYS A 120 -0.55 7.69 -4.85
C LYS A 120 -1.92 7.64 -4.11
N ARG A 121 -1.99 6.87 -3.01
CA ARG A 121 -3.14 6.94 -2.06
C ARG A 121 -2.88 8.02 -0.96
N ILE A 122 -3.95 8.60 -0.40
CA ILE A 122 -3.89 9.57 0.72
C ILE A 122 -5.01 9.12 1.73
N SER A 123 -4.62 8.54 2.88
CA SER A 123 -5.56 7.98 3.89
C SER A 123 -5.35 8.60 5.29
N LYS A 124 -6.44 8.96 6.00
CA LYS A 124 -6.34 9.61 7.35
C LYS A 124 -6.52 8.60 8.53
N ARG A 125 -5.70 8.75 9.59
CA ARG A 125 -5.72 7.87 10.79
C ARG A 125 -7.06 7.88 11.59
N ILE A 126 -7.64 6.69 11.74
CA ILE A 126 -8.91 6.44 12.48
C ILE A 126 -8.69 5.22 13.45
N SER A 1 4.62 7.22 13.97
CA SER A 1 3.72 6.32 14.72
C SER A 1 2.68 5.68 13.75
N PHE A 2 2.94 4.42 13.36
CA PHE A 2 2.10 3.68 12.37
C PHE A 2 0.87 2.86 12.90
N SER A 3 0.58 2.81 14.21
CA SER A 3 -0.60 2.05 14.74
C SER A 3 -1.95 2.79 14.49
N GLY A 4 -2.87 2.17 13.72
CA GLY A 4 -4.19 2.78 13.41
C GLY A 4 -4.95 2.09 12.25
N LYS A 5 -6.23 2.47 12.12
CA LYS A 5 -7.14 2.01 11.02
C LYS A 5 -7.35 3.23 10.07
N TYR A 6 -6.46 3.41 9.09
CA TYR A 6 -6.41 4.64 8.25
C TYR A 6 -7.45 4.60 7.08
N GLN A 7 -8.54 5.39 7.13
CA GLN A 7 -9.55 5.41 6.03
C GLN A 7 -9.11 6.26 4.80
N LEU A 8 -9.33 5.70 3.59
CA LEU A 8 -8.95 6.33 2.30
C LEU A 8 -9.79 7.60 1.94
N GLN A 9 -9.09 8.66 1.52
CA GLN A 9 -9.70 9.96 1.13
C GLN A 9 -9.51 10.22 -0.39
N SER A 10 -8.25 10.36 -0.86
CA SER A 10 -7.94 10.57 -2.30
C SER A 10 -7.06 9.40 -2.87
N GLN A 11 -7.37 8.96 -4.10
CA GLN A 11 -6.63 7.88 -4.80
C GLN A 11 -6.24 8.42 -6.21
N GLU A 12 -4.93 8.61 -6.47
CA GLU A 12 -4.43 9.29 -7.71
C GLU A 12 -4.38 8.36 -8.96
N ASN A 13 -3.20 7.84 -9.37
CA ASN A 13 -3.06 7.03 -10.62
C ASN A 13 -3.47 5.53 -10.48
N PHE A 14 -4.76 5.27 -10.17
CA PHE A 14 -5.32 3.90 -10.12
C PHE A 14 -5.57 3.31 -11.55
N GLU A 15 -6.37 3.99 -12.40
CA GLU A 15 -6.60 3.62 -13.83
C GLU A 15 -5.31 3.39 -14.69
N ALA A 16 -4.36 4.33 -14.67
CA ALA A 16 -3.05 4.18 -15.37
C ALA A 16 -2.13 3.04 -14.82
N PHE A 17 -2.05 2.82 -13.49
CA PHE A 17 -1.26 1.70 -12.89
C PHE A 17 -1.87 0.29 -13.14
N MET A 18 -3.15 0.05 -12.78
CA MET A 18 -3.82 -1.25 -12.99
C MET A 18 -3.91 -1.71 -14.49
N LYS A 19 -4.19 -0.81 -15.46
CA LYS A 19 -4.02 -1.13 -16.91
C LYS A 19 -2.53 -1.39 -17.32
N ALA A 20 -1.53 -0.61 -16.87
CA ALA A 20 -0.09 -0.90 -17.11
C ALA A 20 0.44 -2.28 -16.55
N ILE A 21 0.00 -2.71 -15.35
CA ILE A 21 0.37 -4.05 -14.79
C ILE A 21 -0.51 -5.27 -15.30
N GLY A 22 -1.58 -5.04 -16.10
CA GLY A 22 -2.43 -6.12 -16.66
C GLY A 22 -3.69 -6.56 -15.89
N LEU A 23 -4.54 -5.61 -15.45
CA LEU A 23 -5.81 -5.91 -14.73
C LEU A 23 -7.12 -5.54 -15.55
N PRO A 24 -8.32 -6.13 -15.27
CA PRO A 24 -9.56 -5.84 -16.03
C PRO A 24 -10.27 -4.51 -15.66
N GLU A 25 -10.73 -3.78 -16.70
CA GLU A 25 -11.48 -2.50 -16.54
C GLU A 25 -12.77 -2.55 -15.65
N GLU A 26 -13.54 -3.66 -15.70
CA GLU A 26 -14.69 -3.92 -14.78
C GLU A 26 -14.30 -3.93 -13.25
N LEU A 27 -13.27 -4.68 -12.84
CA LEU A 27 -12.76 -4.64 -11.43
C LEU A 27 -12.04 -3.29 -11.06
N ILE A 28 -11.30 -2.66 -12.00
CA ILE A 28 -10.67 -1.31 -11.82
C ILE A 28 -11.75 -0.20 -11.57
N GLN A 29 -12.80 -0.12 -12.42
CA GLN A 29 -13.98 0.77 -12.18
C GLN A 29 -14.75 0.55 -10.82
N LYS A 30 -14.70 -0.66 -10.23
CA LYS A 30 -15.24 -0.92 -8.87
C LYS A 30 -14.29 -0.37 -7.75
N GLY A 31 -13.02 -0.82 -7.69
CA GLY A 31 -12.06 -0.33 -6.65
C GLY A 31 -11.47 1.10 -6.72
N LYS A 32 -11.67 1.87 -7.80
CA LYS A 32 -11.14 3.26 -7.93
C LYS A 32 -11.72 4.35 -6.96
N ASP A 33 -13.03 4.37 -6.70
CA ASP A 33 -13.70 5.43 -5.86
C ASP A 33 -14.15 4.99 -4.41
N ILE A 34 -13.95 3.73 -3.98
CA ILE A 34 -14.40 3.23 -2.65
C ILE A 34 -13.47 3.75 -1.50
N LYS A 35 -14.01 4.56 -0.57
CA LYS A 35 -13.25 5.06 0.61
C LYS A 35 -13.14 3.98 1.75
N GLY A 36 -12.31 2.96 1.54
CA GLY A 36 -12.12 1.84 2.52
C GLY A 36 -11.05 2.08 3.61
N VAL A 37 -10.97 1.12 4.54
CA VAL A 37 -9.99 1.16 5.68
C VAL A 37 -8.63 0.48 5.27
N SER A 38 -7.51 1.08 5.69
CA SER A 38 -6.15 0.53 5.52
C SER A 38 -5.49 0.49 6.92
N GLU A 39 -5.54 -0.68 7.56
CA GLU A 39 -5.00 -0.89 8.92
C GLU A 39 -3.48 -1.19 8.95
N ILE A 40 -2.80 -0.76 10.02
CA ILE A 40 -1.37 -1.13 10.29
C ILE A 40 -1.24 -1.25 11.86
N VAL A 41 -0.64 -2.34 12.34
CA VAL A 41 -0.33 -2.53 13.81
C VAL A 41 1.23 -2.56 13.93
N GLN A 42 1.87 -1.50 14.45
CA GLN A 42 3.35 -1.43 14.58
C GLN A 42 3.89 -2.23 15.82
N ASN A 43 4.51 -3.39 15.58
CA ASN A 43 5.10 -4.25 16.67
C ASN A 43 6.66 -4.30 16.51
N GLY A 44 7.35 -3.16 16.71
CA GLY A 44 8.83 -3.06 16.51
C GLY A 44 9.27 -3.22 15.03
N LYS A 45 9.68 -4.45 14.67
CA LYS A 45 9.96 -4.83 13.26
C LYS A 45 8.68 -5.34 12.49
N HIS A 46 7.73 -6.06 13.13
CA HIS A 46 6.54 -6.64 12.45
C HIS A 46 5.34 -5.64 12.37
N PHE A 47 5.00 -5.24 11.15
CA PHE A 47 3.89 -4.29 10.89
C PHE A 47 2.69 -5.10 10.29
N LYS A 48 1.66 -5.38 11.11
CA LYS A 48 0.50 -6.22 10.68
C LYS A 48 -0.58 -5.36 9.99
N PHE A 49 -0.80 -5.57 8.69
CA PHE A 49 -1.79 -4.77 7.92
C PHE A 49 -3.12 -5.50 7.58
N THR A 50 -4.20 -4.71 7.47
CA THR A 50 -5.53 -5.21 6.98
C THR A 50 -5.97 -4.16 5.90
N ILE A 51 -5.67 -4.43 4.61
CA ILE A 51 -5.86 -3.42 3.51
C ILE A 51 -7.12 -3.74 2.64
N THR A 52 -7.93 -2.70 2.38
CA THR A 52 -9.13 -2.80 1.51
C THR A 52 -8.78 -2.43 0.03
N ALA A 53 -8.79 -3.45 -0.83
CA ALA A 53 -8.64 -3.30 -2.30
C ALA A 53 -10.05 -3.30 -2.97
N GLY A 54 -10.80 -2.20 -2.75
CA GLY A 54 -12.21 -2.09 -3.20
C GLY A 54 -13.17 -2.98 -2.38
N SER A 55 -13.45 -4.18 -2.89
CA SER A 55 -14.24 -5.22 -2.18
C SER A 55 -13.37 -6.25 -1.36
N LYS A 56 -12.15 -6.63 -1.82
CA LYS A 56 -11.31 -7.64 -1.14
C LYS A 56 -10.48 -7.07 0.07
N VAL A 57 -10.52 -7.78 1.20
CA VAL A 57 -9.71 -7.44 2.41
C VAL A 57 -8.38 -8.28 2.32
N ILE A 58 -7.26 -7.61 2.01
CA ILE A 58 -5.92 -8.25 1.85
C ILE A 58 -5.14 -8.02 3.19
N GLN A 59 -5.04 -9.07 4.03
CA GLN A 59 -4.35 -9.00 5.35
C GLN A 59 -3.04 -9.86 5.36
N ASN A 60 -1.92 -9.18 5.56
CA ASN A 60 -0.55 -9.76 5.62
C ASN A 60 0.34 -8.90 6.59
N GLU A 61 1.49 -9.40 7.05
CA GLU A 61 2.41 -8.64 7.94
C GLU A 61 3.84 -8.48 7.36
N PHE A 62 4.37 -7.24 7.34
CA PHE A 62 5.73 -6.95 6.84
C PHE A 62 6.76 -6.73 7.98
N THR A 63 7.92 -7.37 7.81
CA THR A 63 9.05 -7.30 8.78
C THR A 63 10.07 -6.25 8.25
N VAL A 64 10.29 -5.16 9.00
CA VAL A 64 11.26 -4.09 8.61
C VAL A 64 12.71 -4.61 8.88
N GLY A 65 13.53 -4.74 7.82
CA GLY A 65 14.90 -5.31 7.94
C GLY A 65 15.11 -6.83 7.70
N GLU A 66 14.05 -7.67 7.66
CA GLU A 66 14.14 -9.11 7.29
C GLU A 66 13.00 -9.51 6.31
N GLU A 67 13.20 -10.57 5.49
CA GLU A 67 12.23 -11.01 4.44
C GLU A 67 10.73 -11.20 4.86
N CYS A 68 9.80 -10.63 4.06
CA CYS A 68 8.34 -10.72 4.32
C CYS A 68 7.49 -10.83 3.02
N GLU A 69 6.68 -11.89 2.96
CA GLU A 69 5.81 -12.21 1.80
C GLU A 69 4.44 -11.47 1.82
N LEU A 70 4.18 -10.63 0.80
CA LEU A 70 2.91 -9.84 0.68
C LEU A 70 2.21 -10.13 -0.69
N GLU A 71 0.86 -10.27 -0.69
CA GLU A 71 0.09 -10.48 -1.95
C GLU A 71 0.10 -9.22 -2.90
N THR A 72 0.27 -9.50 -4.19
CA THR A 72 0.29 -8.49 -5.29
C THR A 72 -1.00 -8.56 -6.17
N MET A 73 -1.24 -7.48 -6.92
CA MET A 73 -2.33 -7.43 -7.94
C MET A 73 -1.98 -8.34 -9.17
N THR A 74 -0.85 -8.07 -9.86
CA THR A 74 -0.31 -8.98 -10.90
C THR A 74 0.82 -9.83 -10.21
N GLY A 75 0.66 -11.16 -10.21
CA GLY A 75 1.66 -12.10 -9.64
C GLY A 75 1.12 -13.23 -8.75
N GLU A 76 1.49 -13.21 -7.45
CA GLU A 76 1.28 -14.34 -6.52
C GLU A 76 1.49 -13.83 -5.05
N LYS A 77 2.75 -13.74 -4.62
CA LYS A 77 3.14 -13.29 -3.26
C LYS A 77 4.63 -12.87 -3.31
N VAL A 78 4.90 -11.58 -3.14
CA VAL A 78 6.28 -10.99 -3.28
C VAL A 78 7.01 -10.85 -1.92
N LYS A 79 8.26 -11.34 -1.83
CA LYS A 79 9.12 -11.14 -0.62
C LYS A 79 9.83 -9.75 -0.72
N THR A 80 9.14 -8.74 -0.19
CA THR A 80 9.54 -7.30 -0.28
C THR A 80 9.91 -6.76 1.13
N VAL A 81 11.22 -6.60 1.42
CA VAL A 81 11.65 -6.04 2.75
C VAL A 81 11.54 -4.49 2.74
N VAL A 82 11.02 -3.93 3.86
CA VAL A 82 10.74 -2.48 3.98
C VAL A 82 11.80 -1.80 4.90
N GLN A 83 12.37 -0.66 4.47
CA GLN A 83 13.33 0.13 5.28
C GLN A 83 12.63 1.42 5.82
N LEU A 84 12.88 1.75 7.09
CA LEU A 84 12.23 2.89 7.79
C LEU A 84 13.21 4.06 8.11
N GLU A 85 12.83 5.29 7.71
CA GLU A 85 13.57 6.53 8.08
C GLU A 85 12.66 7.40 9.02
N GLY A 86 13.23 7.79 10.18
CA GLY A 86 12.58 8.69 11.17
C GLY A 86 11.18 8.39 11.77
N ASP A 87 10.82 7.11 11.84
CA ASP A 87 9.45 6.64 12.23
C ASP A 87 8.24 7.16 11.32
N ASN A 88 8.52 7.52 10.05
CA ASN A 88 7.47 8.02 9.10
C ASN A 88 7.63 7.61 7.60
N LYS A 89 8.86 7.37 7.07
CA LYS A 89 9.07 7.02 5.64
C LYS A 89 9.42 5.51 5.48
N LEU A 90 8.52 4.71 4.89
CA LEU A 90 8.74 3.26 4.64
C LEU A 90 9.01 3.02 3.12
N VAL A 91 10.20 2.50 2.77
CA VAL A 91 10.60 2.27 1.34
C VAL A 91 10.82 0.76 1.02
N THR A 92 10.21 0.22 -0.06
CA THR A 92 10.42 -1.22 -0.47
C THR A 92 10.50 -1.42 -2.02
N THR A 93 10.96 -2.61 -2.42
CA THR A 93 11.07 -3.04 -3.86
C THR A 93 10.05 -4.20 -4.06
N PHE A 94 8.90 -3.91 -4.69
CA PHE A 94 7.80 -4.89 -4.87
C PHE A 94 7.99 -5.74 -6.18
N LYS A 95 6.96 -5.95 -7.03
CA LYS A 95 7.10 -6.65 -8.35
C LYS A 95 7.58 -5.59 -9.41
N ASN A 96 8.89 -5.25 -9.42
CA ASN A 96 9.46 -4.15 -10.25
C ASN A 96 8.84 -2.71 -10.03
N ILE A 97 8.42 -2.41 -8.78
CA ILE A 97 7.74 -1.14 -8.38
C ILE A 97 8.45 -0.63 -7.09
N LYS A 98 8.85 0.65 -7.06
CA LYS A 98 9.43 1.26 -5.83
C LYS A 98 8.28 1.90 -4.99
N SER A 99 7.86 1.19 -3.92
CA SER A 99 6.75 1.64 -3.04
C SER A 99 7.27 2.50 -1.85
N VAL A 100 6.81 3.76 -1.79
CA VAL A 100 7.24 4.74 -0.75
C VAL A 100 5.97 5.12 0.09
N THR A 101 5.89 4.68 1.35
CA THR A 101 4.75 5.03 2.25
C THR A 101 5.19 6.14 3.26
N GLU A 102 4.65 7.38 3.17
CA GLU A 102 5.04 8.47 4.10
C GLU A 102 3.87 8.87 5.06
N LEU A 103 4.19 9.02 6.35
CA LEU A 103 3.23 9.46 7.38
C LEU A 103 3.49 10.96 7.74
N ASN A 104 2.53 11.85 7.42
CA ASN A 104 2.65 13.31 7.73
C ASN A 104 1.72 13.67 8.93
N GLY A 105 2.23 13.49 10.17
CA GLY A 105 1.44 13.70 11.40
C GLY A 105 0.48 12.54 11.71
N ASP A 106 -0.79 12.72 11.32
CA ASP A 106 -1.82 11.63 11.38
C ASP A 106 -2.55 11.36 10.00
N ILE A 107 -1.84 11.56 8.87
CA ILE A 107 -2.33 11.23 7.50
C ILE A 107 -1.21 10.42 6.78
N ILE A 108 -1.54 9.24 6.23
CA ILE A 108 -0.56 8.36 5.54
C ILE A 108 -0.74 8.40 3.99
N THR A 109 0.37 8.49 3.24
CA THR A 109 0.35 8.42 1.75
C THR A 109 1.14 7.18 1.24
N ASN A 110 0.54 6.33 0.40
CA ASN A 110 1.25 5.17 -0.20
C ASN A 110 1.53 5.48 -1.70
N THR A 111 2.80 5.77 -2.03
CA THR A 111 3.21 6.17 -3.40
C THR A 111 3.95 4.99 -4.11
N MET A 112 3.23 4.26 -4.98
CA MET A 112 3.79 3.14 -5.77
C MET A 112 4.32 3.67 -7.14
N THR A 113 5.65 3.81 -7.23
CA THR A 113 6.34 4.38 -8.42
C THR A 113 6.80 3.25 -9.40
N LEU A 114 6.15 3.17 -10.57
CA LEU A 114 6.50 2.20 -11.65
C LEU A 114 7.06 3.00 -12.87
N GLY A 115 8.34 3.43 -12.79
CA GLY A 115 9.00 4.26 -13.85
C GLY A 115 8.42 5.68 -13.97
N ASP A 116 7.48 5.84 -14.91
CA ASP A 116 6.71 7.10 -15.12
C ASP A 116 5.34 7.13 -14.34
N ILE A 117 4.72 5.98 -14.04
CA ILE A 117 3.41 5.88 -13.33
C ILE A 117 3.62 6.08 -11.79
N VAL A 118 2.94 7.07 -11.19
CA VAL A 118 3.05 7.36 -9.72
C VAL A 118 1.66 7.07 -9.07
N PHE A 119 1.39 5.82 -8.63
CA PHE A 119 0.11 5.47 -7.94
C PHE A 119 0.11 5.94 -6.46
N LYS A 120 -0.56 7.06 -6.18
CA LYS A 120 -0.55 7.68 -4.83
C LYS A 120 -1.92 7.62 -4.09
N ARG A 121 -1.98 6.85 -2.99
CA ARG A 121 -3.13 6.89 -2.03
C ARG A 121 -2.88 7.99 -0.94
N ILE A 122 -3.96 8.57 -0.40
CA ILE A 122 -3.91 9.56 0.71
C ILE A 122 -5.03 9.10 1.72
N SER A 123 -4.64 8.53 2.87
CA SER A 123 -5.58 7.98 3.90
C SER A 123 -5.37 8.63 5.29
N LYS A 124 -6.46 8.96 6.03
CA LYS A 124 -6.36 9.60 7.36
C LYS A 124 -6.53 8.60 8.55
N ARG A 125 -5.71 8.76 9.61
CA ARG A 125 -5.73 7.88 10.81
C ARG A 125 -7.07 7.89 11.61
N ILE A 126 -7.63 6.68 11.77
CA ILE A 126 -8.90 6.43 12.51
C ILE A 126 -8.68 5.21 13.48
N SER A 1 4.63 7.22 13.98
CA SER A 1 3.72 6.31 14.72
C SER A 1 2.68 5.68 13.75
N PHE A 2 2.94 4.41 13.36
CA PHE A 2 2.10 3.67 12.37
C PHE A 2 0.87 2.86 12.90
N SER A 3 0.58 2.80 14.22
CA SER A 3 -0.59 2.04 14.74
C SER A 3 -1.95 2.79 14.49
N GLY A 4 -2.87 2.17 13.73
CA GLY A 4 -4.18 2.77 13.41
C GLY A 4 -4.95 2.09 12.25
N LYS A 5 -6.22 2.47 12.12
CA LYS A 5 -7.14 2.01 11.02
C LYS A 5 -7.35 3.23 10.07
N TYR A 6 -6.46 3.40 9.10
CA TYR A 6 -6.41 4.64 8.25
C TYR A 6 -7.44 4.60 7.09
N GLN A 7 -8.53 5.39 7.14
CA GLN A 7 -9.54 5.41 6.04
C GLN A 7 -9.11 6.26 4.80
N LEU A 8 -9.32 5.70 3.60
CA LEU A 8 -8.95 6.33 2.30
C LEU A 8 -9.79 7.60 1.94
N GLN A 9 -9.08 8.66 1.53
CA GLN A 9 -9.70 9.96 1.14
C GLN A 9 -9.51 10.21 -0.39
N SER A 10 -8.25 10.36 -0.86
CA SER A 10 -7.93 10.56 -2.30
C SER A 10 -7.05 9.41 -2.87
N GLN A 11 -7.37 8.95 -4.09
CA GLN A 11 -6.62 7.88 -4.79
C GLN A 11 -6.24 8.42 -6.21
N GLU A 12 -4.93 8.61 -6.47
CA GLU A 12 -4.43 9.29 -7.69
C GLU A 12 -4.37 8.37 -8.96
N ASN A 13 -3.20 7.84 -9.37
CA ASN A 13 -3.06 7.04 -10.62
C ASN A 13 -3.48 5.53 -10.47
N PHE A 14 -4.75 5.28 -10.17
CA PHE A 14 -5.32 3.90 -10.12
C PHE A 14 -5.57 3.31 -11.55
N GLU A 15 -6.37 4.00 -12.39
CA GLU A 15 -6.61 3.62 -13.83
C GLU A 15 -5.32 3.39 -14.70
N ALA A 16 -4.36 4.34 -14.67
CA ALA A 16 -3.05 4.19 -15.36
C ALA A 16 -2.13 3.04 -14.82
N PHE A 17 -2.05 2.82 -13.50
CA PHE A 17 -1.27 1.70 -12.89
C PHE A 17 -1.88 0.29 -13.13
N MET A 18 -3.15 0.07 -12.78
CA MET A 18 -3.82 -1.25 -12.99
C MET A 18 -3.91 -1.70 -14.49
N LYS A 19 -4.19 -0.81 -15.46
CA LYS A 19 -4.03 -1.12 -16.90
C LYS A 19 -2.54 -1.38 -17.33
N ALA A 20 -1.53 -0.59 -16.87
CA ALA A 20 -0.09 -0.90 -17.12
C ALA A 20 0.43 -2.27 -16.56
N ILE A 21 0.00 -2.71 -15.35
CA ILE A 21 0.36 -4.05 -14.79
C ILE A 21 -0.51 -5.26 -15.30
N GLY A 22 -1.58 -5.04 -16.10
CA GLY A 22 -2.43 -6.12 -16.67
C GLY A 22 -3.69 -6.55 -15.89
N LEU A 23 -4.54 -5.60 -15.45
CA LEU A 23 -5.81 -5.91 -14.73
C LEU A 23 -7.12 -5.54 -15.55
N PRO A 24 -8.32 -6.13 -15.27
CA PRO A 24 -9.56 -5.83 -16.03
C PRO A 24 -10.27 -4.51 -15.66
N GLU A 25 -10.73 -3.78 -16.70
CA GLU A 25 -11.47 -2.50 -16.54
C GLU A 25 -12.77 -2.55 -15.65
N GLU A 26 -13.55 -3.65 -15.70
CA GLU A 26 -14.69 -3.92 -14.78
C GLU A 26 -14.30 -3.92 -13.25
N LEU A 27 -13.27 -4.68 -12.84
CA LEU A 27 -12.76 -4.63 -11.43
C LEU A 27 -12.04 -3.28 -11.05
N ILE A 28 -11.30 -2.65 -12.00
CA ILE A 28 -10.67 -1.31 -11.82
C ILE A 28 -11.75 -0.20 -11.57
N GLN A 29 -12.81 -0.12 -12.41
CA GLN A 29 -13.98 0.77 -12.18
C GLN A 29 -14.75 0.55 -10.82
N LYS A 30 -14.70 -0.65 -10.23
CA LYS A 30 -15.24 -0.92 -8.87
C LYS A 30 -14.29 -0.36 -7.75
N GLY A 31 -13.02 -0.81 -7.68
CA GLY A 31 -12.05 -0.32 -6.65
C GLY A 31 -11.46 1.11 -6.72
N LYS A 32 -11.67 1.87 -7.80
CA LYS A 32 -11.14 3.26 -7.92
C LYS A 32 -11.71 4.36 -6.96
N ASP A 33 -13.03 4.37 -6.70
CA ASP A 33 -13.70 5.43 -5.86
C ASP A 33 -14.15 5.00 -4.41
N ILE A 34 -13.95 3.73 -3.98
CA ILE A 34 -14.41 3.23 -2.64
C ILE A 34 -13.47 3.75 -1.50
N LYS A 35 -14.02 4.57 -0.56
CA LYS A 35 -13.25 5.06 0.62
C LYS A 35 -13.14 3.98 1.75
N GLY A 36 -12.30 2.95 1.55
CA GLY A 36 -12.12 1.86 2.52
C GLY A 36 -11.06 2.08 3.62
N VAL A 37 -10.97 1.12 4.54
CA VAL A 37 -9.99 1.16 5.68
C VAL A 37 -8.64 0.48 5.27
N SER A 38 -7.51 1.08 5.69
CA SER A 38 -6.15 0.53 5.52
C SER A 38 -5.49 0.49 6.93
N GLU A 39 -5.54 -0.68 7.56
CA GLU A 39 -5.00 -0.89 8.92
C GLU A 39 -3.48 -1.19 8.95
N ILE A 40 -2.80 -0.76 10.02
CA ILE A 40 -1.38 -1.14 10.29
C ILE A 40 -1.23 -1.25 11.85
N VAL A 41 -0.63 -2.35 12.35
CA VAL A 41 -0.33 -2.54 13.80
C VAL A 41 1.24 -2.58 13.92
N GLN A 42 1.86 -1.51 14.45
CA GLN A 42 3.35 -1.43 14.59
C GLN A 42 3.89 -2.23 15.82
N ASN A 43 4.51 -3.40 15.58
CA ASN A 43 5.10 -4.25 16.67
C ASN A 43 6.65 -4.31 16.51
N GLY A 44 7.35 -3.17 16.70
CA GLY A 44 8.82 -3.07 16.51
C GLY A 44 9.27 -3.23 15.03
N LYS A 45 9.67 -4.45 14.67
CA LYS A 45 9.96 -4.83 13.26
C LYS A 45 8.69 -5.34 12.48
N HIS A 46 7.74 -6.06 13.12
CA HIS A 46 6.54 -6.65 12.45
C HIS A 46 5.34 -5.66 12.37
N PHE A 47 5.00 -5.24 11.15
CA PHE A 47 3.89 -4.29 10.88
C PHE A 47 2.69 -5.10 10.29
N LYS A 48 1.67 -5.38 11.10
CA LYS A 48 0.50 -6.22 10.68
C LYS A 48 -0.58 -5.36 9.99
N PHE A 49 -0.80 -5.57 8.69
CA PHE A 49 -1.80 -4.78 7.91
C PHE A 49 -3.13 -5.51 7.58
N THR A 50 -4.20 -4.71 7.47
CA THR A 50 -5.53 -5.21 6.98
C THR A 50 -5.97 -4.16 5.90
N ILE A 51 -5.68 -4.43 4.61
CA ILE A 51 -5.86 -3.42 3.51
C ILE A 51 -7.12 -3.74 2.64
N THR A 52 -7.93 -2.70 2.38
CA THR A 52 -9.13 -2.80 1.51
C THR A 52 -8.78 -2.43 0.03
N ALA A 53 -8.79 -3.45 -0.83
CA ALA A 53 -8.65 -3.30 -2.30
C ALA A 53 -10.05 -3.29 -2.98
N GLY A 54 -10.81 -2.20 -2.75
CA GLY A 54 -12.22 -2.09 -3.19
C GLY A 54 -13.19 -2.97 -2.38
N SER A 55 -13.45 -4.18 -2.89
CA SER A 55 -14.24 -5.22 -2.18
C SER A 55 -13.37 -6.24 -1.36
N LYS A 56 -12.15 -6.63 -1.82
CA LYS A 56 -11.31 -7.64 -1.14
C LYS A 56 -10.48 -7.07 0.06
N VAL A 57 -10.52 -7.78 1.20
CA VAL A 57 -9.71 -7.44 2.41
C VAL A 57 -8.38 -8.28 2.32
N ILE A 58 -7.26 -7.61 2.01
CA ILE A 58 -5.92 -8.25 1.85
C ILE A 58 -5.14 -8.02 3.19
N GLN A 59 -5.04 -9.07 4.03
CA GLN A 59 -4.35 -9.00 5.35
C GLN A 59 -3.04 -9.85 5.36
N ASN A 60 -1.92 -9.17 5.56
CA ASN A 60 -0.55 -9.76 5.62
C ASN A 60 0.34 -8.91 6.59
N GLU A 61 1.49 -9.41 7.05
CA GLU A 61 2.41 -8.64 7.94
C GLU A 61 3.85 -8.50 7.35
N PHE A 62 4.37 -7.24 7.34
CA PHE A 62 5.73 -6.95 6.84
C PHE A 62 6.77 -6.73 7.97
N THR A 63 7.92 -7.37 7.81
CA THR A 63 9.04 -7.31 8.78
C THR A 63 10.07 -6.25 8.25
N VAL A 64 10.29 -5.17 9.00
CA VAL A 64 11.26 -4.09 8.61
C VAL A 64 12.71 -4.61 8.88
N GLY A 65 13.53 -4.74 7.82
CA GLY A 65 14.90 -5.31 7.94
C GLY A 65 15.11 -6.84 7.70
N GLU A 66 14.05 -7.67 7.66
CA GLU A 66 14.15 -9.11 7.29
C GLU A 66 13.00 -9.51 6.29
N GLU A 67 13.20 -10.57 5.49
CA GLU A 67 12.22 -11.01 4.44
C GLU A 67 10.72 -11.20 4.86
N CYS A 68 9.80 -10.63 4.06
CA CYS A 68 8.34 -10.72 4.32
C CYS A 68 7.50 -10.83 3.01
N GLU A 69 6.69 -11.89 2.95
CA GLU A 69 5.81 -12.21 1.79
C GLU A 69 4.43 -11.47 1.81
N LEU A 70 4.18 -10.64 0.80
CA LEU A 70 2.92 -9.84 0.67
C LEU A 70 2.21 -10.13 -0.69
N GLU A 71 0.87 -10.27 -0.70
CA GLU A 71 0.09 -10.48 -1.95
C GLU A 71 0.10 -9.22 -2.90
N THR A 72 0.26 -9.51 -4.20
CA THR A 72 0.29 -8.49 -5.29
C THR A 72 -1.00 -8.56 -6.17
N MET A 73 -1.24 -7.48 -6.92
CA MET A 73 -2.33 -7.43 -7.94
C MET A 73 -1.98 -8.34 -9.18
N THR A 74 -0.85 -8.07 -9.86
CA THR A 74 -0.31 -8.98 -10.90
C THR A 74 0.82 -9.83 -10.22
N GLY A 75 0.65 -11.15 -10.22
CA GLY A 75 1.66 -12.09 -9.65
C GLY A 75 1.12 -13.23 -8.75
N GLU A 76 1.49 -13.20 -7.46
CA GLU A 76 1.28 -14.34 -6.52
C GLU A 76 1.48 -13.84 -5.05
N LYS A 77 2.75 -13.74 -4.62
CA LYS A 77 3.14 -13.29 -3.26
C LYS A 77 4.64 -12.88 -3.32
N VAL A 78 4.91 -11.58 -3.15
CA VAL A 78 6.27 -11.00 -3.28
C VAL A 78 7.01 -10.85 -1.92
N LYS A 79 8.26 -11.35 -1.83
CA LYS A 79 9.12 -11.14 -0.62
C LYS A 79 9.83 -9.75 -0.73
N THR A 80 9.15 -8.74 -0.19
CA THR A 80 9.53 -7.31 -0.29
C THR A 80 9.91 -6.76 1.13
N VAL A 81 11.22 -6.60 1.42
CA VAL A 81 11.65 -6.04 2.74
C VAL A 81 11.54 -4.49 2.74
N VAL A 82 11.03 -3.94 3.85
CA VAL A 82 10.73 -2.49 3.98
C VAL A 82 11.80 -1.81 4.90
N GLN A 83 12.37 -0.66 4.47
CA GLN A 83 13.34 0.13 5.28
C GLN A 83 12.64 1.41 5.82
N LEU A 84 12.88 1.75 7.09
CA LEU A 84 12.23 2.87 7.79
C LEU A 84 13.21 4.06 8.11
N GLU A 85 12.84 5.28 7.72
CA GLU A 85 13.57 6.53 8.08
C GLU A 85 12.67 7.40 9.02
N GLY A 86 13.24 7.79 10.17
CA GLY A 86 12.58 8.69 11.18
C GLY A 86 11.18 8.39 11.77
N ASP A 87 10.82 7.10 11.84
CA ASP A 87 9.44 6.63 12.23
C ASP A 87 8.26 7.16 11.33
N ASN A 88 8.52 7.52 10.05
CA ASN A 88 7.47 8.01 9.10
C ASN A 88 7.65 7.60 7.60
N LYS A 89 8.86 7.37 7.07
CA LYS A 89 9.07 7.02 5.64
C LYS A 89 9.42 5.51 5.48
N LEU A 90 8.52 4.71 4.89
CA LEU A 90 8.74 3.26 4.64
C LEU A 90 9.01 3.02 3.12
N VAL A 91 10.19 2.49 2.76
CA VAL A 91 10.60 2.27 1.34
C VAL A 91 10.82 0.76 1.02
N THR A 92 10.22 0.21 -0.06
CA THR A 92 10.42 -1.22 -0.47
C THR A 92 10.50 -1.42 -2.02
N THR A 93 10.96 -2.61 -2.42
CA THR A 93 11.07 -3.04 -3.86
C THR A 93 10.05 -4.20 -4.06
N PHE A 94 8.90 -3.90 -4.70
CA PHE A 94 7.80 -4.89 -4.87
C PHE A 94 7.99 -5.74 -6.19
N LYS A 95 6.96 -5.95 -7.03
CA LYS A 95 7.10 -6.65 -8.35
C LYS A 95 7.58 -5.59 -9.41
N ASN A 96 8.88 -5.26 -9.42
CA ASN A 96 9.46 -4.15 -10.25
C ASN A 96 8.84 -2.71 -10.03
N ILE A 97 8.42 -2.41 -8.78
CA ILE A 97 7.73 -1.15 -8.39
C ILE A 97 8.45 -0.63 -7.09
N LYS A 98 8.86 0.65 -7.06
CA LYS A 98 9.43 1.26 -5.83
C LYS A 98 8.28 1.90 -5.00
N SER A 99 7.86 1.19 -3.93
CA SER A 99 6.75 1.64 -3.04
C SER A 99 7.27 2.50 -1.85
N VAL A 100 6.81 3.76 -1.79
CA VAL A 100 7.24 4.74 -0.75
C VAL A 100 5.98 5.12 0.08
N THR A 101 5.89 4.68 1.35
CA THR A 101 4.75 5.03 2.25
C THR A 101 5.19 6.14 3.26
N GLU A 102 4.65 7.38 3.17
CA GLU A 102 5.04 8.47 4.10
C GLU A 102 3.87 8.87 5.06
N LEU A 103 4.19 9.02 6.35
CA LEU A 103 3.23 9.46 7.38
C LEU A 103 3.49 10.96 7.74
N ASN A 104 2.54 11.85 7.43
CA ASN A 104 2.66 13.31 7.72
C ASN A 104 1.73 13.66 8.93
N GLY A 105 2.24 13.48 10.17
CA GLY A 105 1.45 13.70 11.41
C GLY A 105 0.48 12.54 11.71
N ASP A 106 -0.79 12.72 11.32
CA ASP A 106 -1.82 11.63 11.38
C ASP A 106 -2.54 11.35 10.00
N ILE A 107 -1.83 11.55 8.87
CA ILE A 107 -2.32 11.23 7.51
C ILE A 107 -1.20 10.41 6.79
N ILE A 108 -1.54 9.24 6.23
CA ILE A 108 -0.56 8.36 5.54
C ILE A 108 -0.74 8.40 3.99
N THR A 109 0.38 8.48 3.25
CA THR A 109 0.35 8.42 1.75
C THR A 109 1.14 7.18 1.24
N ASN A 110 0.54 6.33 0.40
CA ASN A 110 1.25 5.17 -0.20
C ASN A 110 1.53 5.48 -1.70
N THR A 111 2.80 5.77 -2.03
CA THR A 111 3.21 6.17 -3.40
C THR A 111 3.95 4.99 -4.11
N MET A 112 3.23 4.26 -4.98
CA MET A 112 3.79 3.14 -5.77
C MET A 112 4.32 3.67 -7.14
N THR A 113 5.65 3.81 -7.23
CA THR A 113 6.34 4.38 -8.42
C THR A 113 6.80 3.25 -9.40
N LEU A 114 6.15 3.17 -10.57
CA LEU A 114 6.50 2.20 -11.65
C LEU A 114 7.06 3.02 -12.88
N GLY A 115 8.34 3.44 -12.79
CA GLY A 115 8.98 4.26 -13.85
C GLY A 115 8.41 5.69 -13.98
N ASP A 116 7.48 5.84 -14.91
CA ASP A 116 6.70 7.10 -15.12
C ASP A 116 5.33 7.14 -14.34
N ILE A 117 4.71 5.98 -14.04
CA ILE A 117 3.40 5.88 -13.34
C ILE A 117 3.62 6.08 -11.79
N VAL A 118 2.94 7.07 -11.19
CA VAL A 118 3.05 7.36 -9.72
C VAL A 118 1.65 7.08 -9.06
N PHE A 119 1.39 5.82 -8.63
CA PHE A 119 0.11 5.47 -7.94
C PHE A 119 0.11 5.94 -6.46
N LYS A 120 -0.57 7.07 -6.18
CA LYS A 120 -0.55 7.69 -4.83
C LYS A 120 -1.92 7.62 -4.08
N ARG A 121 -1.98 6.85 -2.99
CA ARG A 121 -3.13 6.90 -2.03
C ARG A 121 -2.88 7.99 -0.94
N ILE A 122 -3.96 8.57 -0.40
CA ILE A 122 -3.91 9.55 0.72
C ILE A 122 -5.03 9.10 1.72
N SER A 123 -4.63 8.54 2.88
CA SER A 123 -5.58 7.98 3.90
C SER A 123 -5.37 8.62 5.30
N LYS A 124 -6.46 8.96 6.03
CA LYS A 124 -6.36 9.61 7.36
C LYS A 124 -6.53 8.60 8.55
N ARG A 125 -5.71 8.76 9.61
CA ARG A 125 -5.73 7.88 10.81
C ARG A 125 -7.06 7.88 11.62
N ILE A 126 -7.63 6.68 11.77
CA ILE A 126 -8.90 6.43 12.51
C ILE A 126 -8.68 5.21 13.48
N SER A 1 4.62 7.20 14.01
CA SER A 1 3.71 6.29 14.75
C SER A 1 2.67 5.66 13.77
N PHE A 2 2.92 4.40 13.39
CA PHE A 2 2.08 3.66 12.39
C PHE A 2 0.85 2.86 12.91
N SER A 3 0.55 2.79 14.22
CA SER A 3 -0.63 2.04 14.73
C SER A 3 -1.98 2.79 14.48
N GLY A 4 -2.90 2.18 13.71
CA GLY A 4 -4.22 2.78 13.39
C GLY A 4 -4.98 2.11 12.22
N LYS A 5 -6.26 2.48 12.10
CA LYS A 5 -7.17 2.02 11.00
C LYS A 5 -7.36 3.24 10.04
N TYR A 6 -6.48 3.42 9.06
CA TYR A 6 -6.41 4.65 8.22
C TYR A 6 -7.45 4.61 7.05
N GLN A 7 -8.53 5.40 7.09
CA GLN A 7 -9.54 5.43 5.99
C GLN A 7 -9.11 6.29 4.76
N LEU A 8 -9.32 5.73 3.56
CA LEU A 8 -8.94 6.37 2.28
C LEU A 8 -9.79 7.63 1.93
N GLN A 9 -9.08 8.70 1.51
CA GLN A 9 -9.69 10.00 1.13
C GLN A 9 -9.49 10.27 -0.39
N SER A 10 -8.23 10.40 -0.86
CA SER A 10 -7.91 10.62 -2.30
C SER A 10 -7.05 9.45 -2.88
N GLN A 11 -7.36 9.01 -4.11
CA GLN A 11 -6.62 7.93 -4.82
C GLN A 11 -6.23 8.47 -6.23
N GLU A 12 -4.92 8.64 -6.50
CA GLU A 12 -4.42 9.31 -7.73
C GLU A 12 -4.38 8.37 -8.98
N ASN A 13 -3.20 7.85 -9.39
CA ASN A 13 -3.06 7.03 -10.63
C ASN A 13 -3.48 5.53 -10.48
N PHE A 14 -4.77 5.28 -10.18
CA PHE A 14 -5.34 3.90 -10.13
C PHE A 14 -5.58 3.32 -11.56
N GLU A 15 -6.38 4.00 -12.41
CA GLU A 15 -6.61 3.63 -13.84
C GLU A 15 -5.33 3.39 -14.71
N ALA A 16 -4.37 4.33 -14.68
CA ALA A 16 -3.06 4.18 -15.37
C ALA A 16 -2.14 3.03 -14.83
N PHE A 17 -2.06 2.81 -13.51
CA PHE A 17 -1.27 1.70 -12.90
C PHE A 17 -1.89 0.29 -13.14
N MET A 18 -3.16 0.05 -12.80
CA MET A 18 -3.84 -1.26 -13.01
C MET A 18 -3.92 -1.71 -14.51
N LYS A 19 -4.20 -0.81 -15.48
CA LYS A 19 -4.04 -1.13 -16.93
C LYS A 19 -2.54 -1.39 -17.34
N ALA A 20 -1.53 -0.60 -16.88
CA ALA A 20 -0.10 -0.91 -17.13
C ALA A 20 0.42 -2.27 -16.57
N ILE A 21 -0.01 -2.71 -15.37
CA ILE A 21 0.35 -4.06 -14.81
C ILE A 21 -0.53 -5.27 -15.32
N GLY A 22 -1.60 -5.05 -16.12
CA GLY A 22 -2.44 -6.12 -16.69
C GLY A 22 -3.71 -6.55 -15.93
N LEU A 23 -4.56 -5.61 -15.49
CA LEU A 23 -5.83 -5.92 -14.77
C LEU A 23 -7.13 -5.54 -15.58
N PRO A 24 -8.34 -6.13 -15.30
CA PRO A 24 -9.59 -5.83 -16.06
C PRO A 24 -10.29 -4.50 -15.70
N GLU A 25 -10.75 -3.77 -16.72
CA GLU A 25 -11.49 -2.49 -16.56
C GLU A 25 -12.79 -2.54 -15.68
N GLU A 26 -13.56 -3.64 -15.73
CA GLU A 26 -14.71 -3.90 -14.81
C GLU A 26 -14.32 -3.91 -13.28
N LEU A 27 -13.29 -4.68 -12.87
CA LEU A 27 -12.78 -4.63 -11.45
C LEU A 27 -12.06 -3.28 -11.08
N ILE A 28 -11.32 -2.65 -12.02
CA ILE A 28 -10.68 -1.30 -11.84
C ILE A 28 -11.76 -0.19 -11.59
N GLN A 29 -12.82 -0.11 -12.44
CA GLN A 29 -14.00 0.78 -12.21
C GLN A 29 -14.76 0.56 -10.85
N LYS A 30 -14.71 -0.65 -10.26
CA LYS A 30 -15.25 -0.90 -8.90
C LYS A 30 -14.30 -0.35 -7.78
N GLY A 31 -13.02 -0.80 -7.71
CA GLY A 31 -12.07 -0.31 -6.67
C GLY A 31 -11.48 1.12 -6.75
N LYS A 32 -11.69 1.88 -7.84
CA LYS A 32 -11.15 3.27 -7.96
C LYS A 32 -11.72 4.37 -7.00
N ASP A 33 -13.05 4.39 -6.73
CA ASP A 33 -13.72 5.44 -5.89
C ASP A 33 -14.16 5.01 -4.44
N ILE A 34 -13.95 3.75 -4.01
CA ILE A 34 -14.42 3.25 -2.68
C ILE A 34 -13.48 3.78 -1.53
N LYS A 35 -14.01 4.59 -0.61
CA LYS A 35 -13.24 5.09 0.58
C LYS A 35 -13.14 4.00 1.71
N GLY A 36 -12.29 2.98 1.50
CA GLY A 36 -12.10 1.88 2.47
C GLY A 36 -11.04 2.10 3.57
N VAL A 37 -10.96 1.15 4.50
CA VAL A 37 -9.99 1.18 5.64
C VAL A 37 -8.64 0.49 5.24
N SER A 38 -7.52 1.09 5.66
CA SER A 38 -6.16 0.54 5.50
C SER A 38 -5.50 0.49 6.91
N GLU A 39 -5.56 -0.68 7.55
CA GLU A 39 -5.03 -0.90 8.91
C GLU A 39 -3.51 -1.21 8.95
N ILE A 40 -2.85 -0.77 10.03
CA ILE A 40 -1.42 -1.15 10.32
C ILE A 40 -1.30 -1.26 11.89
N VAL A 41 -0.68 -2.35 12.39
CA VAL A 41 -0.37 -2.53 13.84
C VAL A 41 1.19 -2.58 13.96
N GLN A 42 1.83 -1.53 14.49
CA GLN A 42 3.31 -1.45 14.61
C GLN A 42 3.85 -2.25 15.86
N ASN A 43 4.47 -3.42 15.63
CA ASN A 43 5.06 -4.26 16.72
C ASN A 43 6.62 -4.33 16.56
N GLY A 44 7.32 -3.18 16.75
CA GLY A 44 8.80 -3.09 16.56
C GLY A 44 9.25 -3.25 15.09
N LYS A 45 9.67 -4.47 14.72
CA LYS A 45 9.95 -4.85 13.31
C LYS A 45 8.68 -5.36 12.53
N HIS A 46 7.73 -6.08 13.18
CA HIS A 46 6.55 -6.68 12.50
C HIS A 46 5.35 -5.68 12.44
N PHE A 47 4.98 -5.28 11.22
CA PHE A 47 3.86 -4.33 10.96
C PHE A 47 2.68 -5.14 10.36
N LYS A 48 1.63 -5.41 11.17
CA LYS A 48 0.47 -6.23 10.73
C LYS A 48 -0.62 -5.37 10.04
N PHE A 49 -0.85 -5.60 8.74
CA PHE A 49 -1.84 -4.80 7.96
C PHE A 49 -3.17 -5.53 7.61
N THR A 50 -4.25 -4.75 7.49
CA THR A 50 -5.57 -5.24 6.99
C THR A 50 -6.00 -4.18 5.91
N ILE A 51 -5.71 -4.43 4.61
CA ILE A 51 -5.88 -3.43 3.51
C ILE A 51 -7.14 -3.75 2.64
N THR A 52 -7.94 -2.71 2.37
CA THR A 52 -9.14 -2.80 1.50
C THR A 52 -8.79 -2.43 0.01
N ALA A 53 -8.82 -3.46 -0.85
CA ALA A 53 -8.67 -3.30 -2.32
C ALA A 53 -10.08 -3.31 -3.00
N GLY A 54 -10.84 -2.22 -2.77
CA GLY A 54 -12.24 -2.10 -3.23
C GLY A 54 -13.21 -2.99 -2.41
N SER A 55 -13.46 -4.20 -2.92
CA SER A 55 -14.25 -5.25 -2.20
C SER A 55 -13.38 -6.26 -1.39
N LYS A 56 -12.17 -6.65 -1.85
CA LYS A 56 -11.32 -7.67 -1.16
C LYS A 56 -10.49 -7.08 0.03
N VAL A 57 -10.55 -7.80 1.18
CA VAL A 57 -9.73 -7.46 2.38
C VAL A 57 -8.40 -8.29 2.30
N ILE A 58 -7.28 -7.62 1.99
CA ILE A 58 -5.94 -8.26 1.85
C ILE A 58 -5.15 -8.03 3.17
N GLN A 59 -5.04 -9.08 4.00
CA GLN A 59 -4.35 -9.01 5.32
C GLN A 59 -3.03 -9.86 5.35
N ASN A 60 -1.91 -9.17 5.56
CA ASN A 60 -0.54 -9.77 5.63
C ASN A 60 0.32 -8.90 6.63
N GLU A 61 1.47 -9.43 7.10
CA GLU A 61 2.38 -8.67 8.01
C GLU A 61 3.82 -8.53 7.43
N PHE A 62 4.35 -7.28 7.42
CA PHE A 62 5.71 -7.00 6.91
C PHE A 62 6.76 -6.78 8.03
N THR A 63 7.93 -7.39 7.84
CA THR A 63 9.06 -7.31 8.80
C THR A 63 10.07 -6.25 8.27
N VAL A 64 10.28 -5.16 9.02
CA VAL A 64 11.25 -4.08 8.63
C VAL A 64 12.70 -4.60 8.90
N GLY A 65 13.52 -4.72 7.86
CA GLY A 65 14.90 -5.30 7.98
C GLY A 65 15.10 -6.83 7.73
N GLU A 66 14.04 -7.65 7.68
CA GLU A 66 14.13 -9.10 7.31
C GLU A 66 12.98 -9.49 6.30
N GLU A 67 13.19 -10.55 5.50
CA GLU A 67 12.22 -11.00 4.46
C GLU A 67 10.71 -11.19 4.87
N CYS A 68 9.79 -10.63 4.05
CA CYS A 68 8.33 -10.72 4.31
C CYS A 68 7.50 -10.86 2.99
N GLU A 69 6.75 -11.96 2.92
CA GLU A 69 5.88 -12.31 1.75
C GLU A 69 4.49 -11.59 1.78
N LEU A 70 4.23 -10.74 0.77
CA LEU A 70 2.98 -9.93 0.69
C LEU A 70 2.25 -10.15 -0.67
N GLU A 71 0.92 -10.26 -0.68
CA GLU A 71 0.12 -10.44 -1.94
C GLU A 71 0.13 -9.16 -2.86
N THR A 72 0.21 -9.45 -4.17
CA THR A 72 0.23 -8.44 -5.26
C THR A 72 -1.05 -8.53 -6.15
N MET A 73 -1.29 -7.47 -6.93
CA MET A 73 -2.37 -7.46 -7.97
C MET A 73 -1.98 -8.36 -9.18
N THR A 74 -0.86 -8.06 -9.87
CA THR A 74 -0.28 -8.97 -10.91
C THR A 74 0.85 -9.78 -10.20
N GLY A 75 0.72 -11.11 -10.21
CA GLY A 75 1.73 -12.03 -9.62
C GLY A 75 1.19 -13.17 -8.74
N GLU A 76 1.55 -13.16 -7.44
CA GLU A 76 1.33 -14.30 -6.51
C GLU A 76 1.53 -13.81 -5.04
N LYS A 77 2.79 -13.72 -4.60
CA LYS A 77 3.19 -13.29 -3.24
C LYS A 77 4.69 -12.87 -3.29
N VAL A 78 4.96 -11.58 -3.12
CA VAL A 78 6.33 -11.00 -3.26
C VAL A 78 7.08 -10.85 -1.90
N LYS A 79 8.32 -11.35 -1.82
CA LYS A 79 9.18 -11.16 -0.61
C LYS A 79 9.90 -9.77 -0.71
N THR A 80 9.20 -8.75 -0.19
CA THR A 80 9.59 -7.31 -0.28
C THR A 80 9.96 -6.77 1.14
N VAL A 81 11.26 -6.59 1.44
CA VAL A 81 11.68 -6.03 2.76
C VAL A 81 11.55 -4.46 2.76
N VAL A 82 11.03 -3.92 3.86
CA VAL A 82 10.73 -2.46 3.98
C VAL A 82 11.79 -1.78 4.90
N GLN A 83 12.37 -0.65 4.47
CA GLN A 83 13.33 0.15 5.28
C GLN A 83 12.62 1.42 5.82
N LEU A 84 12.88 1.75 7.10
CA LEU A 84 12.22 2.88 7.80
C LEU A 84 13.19 4.06 8.14
N GLU A 85 12.83 5.29 7.73
CA GLU A 85 13.56 6.53 8.10
C GLU A 85 12.66 7.40 9.05
N GLY A 86 13.24 7.77 10.20
CA GLY A 86 12.57 8.66 11.22
C GLY A 86 11.19 8.36 11.81
N ASP A 87 10.81 7.08 11.86
CA ASP A 87 9.43 6.61 12.23
C ASP A 87 8.25 7.15 11.32
N ASN A 88 8.52 7.49 10.05
CA ASN A 88 7.49 8.00 9.10
C ASN A 88 7.66 7.57 7.59
N LYS A 89 8.86 7.35 7.06
CA LYS A 89 9.07 6.99 5.62
C LYS A 89 9.40 5.47 5.47
N LEU A 90 8.47 4.69 4.90
CA LEU A 90 8.67 3.23 4.65
C LEU A 90 8.95 2.98 3.13
N VAL A 91 10.15 2.50 2.77
CA VAL A 91 10.56 2.29 1.34
C VAL A 91 10.81 0.77 1.02
N THR A 92 10.21 0.23 -0.06
CA THR A 92 10.44 -1.20 -0.47
C THR A 92 10.54 -1.39 -2.03
N THR A 93 11.01 -2.59 -2.42
CA THR A 93 11.14 -3.02 -3.85
C THR A 93 10.13 -4.19 -4.06
N PHE A 94 8.99 -3.91 -4.70
CA PHE A 94 7.88 -4.89 -4.88
C PHE A 94 8.06 -5.73 -6.20
N LYS A 95 7.01 -5.96 -7.01
CA LYS A 95 7.13 -6.65 -8.35
C LYS A 95 7.58 -5.59 -9.41
N ASN A 96 8.88 -5.25 -9.46
CA ASN A 96 9.43 -4.14 -10.30
C ASN A 96 8.80 -2.71 -10.05
N ILE A 97 8.38 -2.42 -8.81
CA ILE A 97 7.70 -1.15 -8.41
C ILE A 97 8.42 -0.64 -7.11
N LYS A 98 8.84 0.63 -7.08
CA LYS A 98 9.43 1.25 -5.86
C LYS A 98 8.28 1.89 -5.03
N SER A 99 7.87 1.20 -3.95
CA SER A 99 6.77 1.65 -3.06
C SER A 99 7.30 2.52 -1.89
N VAL A 100 6.89 3.80 -1.87
CA VAL A 100 7.31 4.80 -0.84
C VAL A 100 6.04 5.17 -0.02
N THR A 101 5.94 4.72 1.24
CA THR A 101 4.77 5.03 2.12
C THR A 101 5.19 6.08 3.19
N GLU A 102 4.68 7.34 3.12
CA GLU A 102 5.05 8.41 4.09
C GLU A 102 3.89 8.80 5.04
N LEU A 103 4.21 8.96 6.33
CA LEU A 103 3.25 9.41 7.36
C LEU A 103 3.51 10.91 7.71
N ASN A 104 2.54 11.80 7.42
CA ASN A 104 2.67 13.26 7.70
C ASN A 104 1.74 13.62 8.91
N GLY A 105 2.25 13.42 10.15
CA GLY A 105 1.46 13.65 11.39
C GLY A 105 0.49 12.49 11.69
N ASP A 106 -0.78 12.67 11.29
CA ASP A 106 -1.81 11.59 11.36
C ASP A 106 -2.53 11.32 9.97
N ILE A 107 -1.82 11.50 8.84
CA ILE A 107 -2.30 11.18 7.47
C ILE A 107 -1.18 10.36 6.76
N ILE A 108 -1.51 9.19 6.20
CA ILE A 108 -0.54 8.31 5.50
C ILE A 108 -0.72 8.37 3.96
N THR A 109 0.38 8.50 3.21
CA THR A 109 0.36 8.44 1.72
C THR A 109 1.13 7.18 1.22
N ASN A 110 0.52 6.37 0.34
CA ASN A 110 1.20 5.18 -0.25
C ASN A 110 1.52 5.48 -1.74
N THR A 111 2.79 5.79 -2.04
CA THR A 111 3.23 6.19 -3.41
C THR A 111 3.96 5.01 -4.13
N MET A 112 3.24 4.29 -5.00
CA MET A 112 3.79 3.15 -5.79
C MET A 112 4.30 3.67 -7.16
N THR A 113 5.64 3.80 -7.25
CA THR A 113 6.32 4.36 -8.45
C THR A 113 6.78 3.23 -9.42
N LEU A 114 6.13 3.16 -10.60
CA LEU A 114 6.48 2.19 -11.68
C LEU A 114 7.03 2.99 -12.90
N GLY A 115 8.32 3.41 -12.82
CA GLY A 115 8.97 4.24 -13.87
C GLY A 115 8.39 5.67 -13.99
N ASP A 116 7.47 5.83 -14.94
CA ASP A 116 6.69 7.10 -15.14
C ASP A 116 5.32 7.13 -14.36
N ILE A 117 4.70 5.97 -14.06
CA ILE A 117 3.40 5.88 -13.35
C ILE A 117 3.61 6.07 -11.81
N VAL A 118 2.93 7.06 -11.22
CA VAL A 118 3.04 7.35 -9.75
C VAL A 118 1.64 7.06 -9.09
N PHE A 119 1.37 5.81 -8.64
CA PHE A 119 0.10 5.46 -7.97
C PHE A 119 0.11 5.94 -6.48
N LYS A 120 -0.57 7.06 -6.20
CA LYS A 120 -0.55 7.69 -4.85
C LYS A 120 -1.92 7.64 -4.11
N ARG A 121 -1.99 6.87 -3.01
CA ARG A 121 -3.14 6.94 -2.06
C ARG A 121 -2.88 8.03 -0.96
N ILE A 122 -3.95 8.60 -0.40
CA ILE A 122 -3.89 9.57 0.72
C ILE A 122 -5.02 9.11 1.72
N SER A 123 -4.63 8.54 2.87
CA SER A 123 -5.57 7.97 3.87
C SER A 123 -5.36 8.61 5.29
N LYS A 124 -6.44 8.96 6.00
CA LYS A 124 -6.35 9.61 7.34
C LYS A 124 -6.53 8.60 8.53
N ARG A 125 -5.71 8.75 9.59
CA ARG A 125 -5.73 7.86 10.78
C ARG A 125 -7.06 7.88 11.59
N ILE A 126 -7.65 6.68 11.74
CA ILE A 126 -8.91 6.44 12.47
C ILE A 126 -8.69 5.22 13.44
N SER A 1 4.88 7.18 14.48
CA SER A 1 3.90 6.24 15.10
C SER A 1 2.90 5.73 14.02
N PHE A 2 3.07 4.47 13.60
CA PHE A 2 2.23 3.84 12.54
C PHE A 2 0.89 3.15 12.95
N SER A 3 0.65 2.77 14.21
CA SER A 3 -0.59 2.05 14.61
C SER A 3 -1.93 2.83 14.37
N GLY A 4 -2.88 2.23 13.64
CA GLY A 4 -4.19 2.85 13.32
C GLY A 4 -4.98 2.18 12.18
N LYS A 5 -6.27 2.52 12.07
CA LYS A 5 -7.18 2.04 11.00
C LYS A 5 -7.42 3.25 10.04
N TYR A 6 -6.56 3.42 9.04
CA TYR A 6 -6.53 4.65 8.18
C TYR A 6 -7.59 4.60 7.04
N GLN A 7 -8.65 5.45 7.08
CA GLN A 7 -9.66 5.48 5.99
C GLN A 7 -9.19 6.32 4.75
N LEU A 8 -9.40 5.76 3.55
CA LEU A 8 -8.99 6.38 2.26
C LEU A 8 -9.82 7.66 1.89
N GLN A 9 -9.09 8.71 1.50
CA GLN A 9 -9.68 10.02 1.11
C GLN A 9 -9.48 10.28 -0.42
N SER A 10 -8.23 10.39 -0.88
CA SER A 10 -7.90 10.61 -2.32
C SER A 10 -7.03 9.43 -2.89
N GLN A 11 -7.35 8.99 -4.12
CA GLN A 11 -6.61 7.91 -4.83
C GLN A 11 -6.22 8.45 -6.25
N GLU A 12 -4.91 8.62 -6.51
CA GLU A 12 -4.40 9.29 -7.73
C GLU A 12 -4.37 8.36 -9.00
N ASN A 13 -3.19 7.83 -9.40
CA ASN A 13 -3.06 7.01 -10.64
C ASN A 13 -3.48 5.51 -10.50
N PHE A 14 -4.77 5.27 -10.19
CA PHE A 14 -5.34 3.89 -10.14
C PHE A 14 -5.59 3.30 -11.57
N GLU A 15 -6.38 3.99 -12.42
CA GLU A 15 -6.61 3.62 -13.85
C GLU A 15 -5.32 3.37 -14.71
N ALA A 16 -4.36 4.32 -14.69
CA ALA A 16 -3.06 4.18 -15.37
C ALA A 16 -2.13 3.02 -14.84
N PHE A 17 -2.06 2.80 -13.51
CA PHE A 17 -1.27 1.69 -12.91
C PHE A 17 -1.89 0.28 -13.16
N MET A 18 -3.16 0.04 -12.81
CA MET A 18 -3.84 -1.27 -13.02
C MET A 18 -3.92 -1.72 -14.52
N LYS A 19 -4.21 -0.82 -15.49
CA LYS A 19 -4.04 -1.14 -16.94
C LYS A 19 -2.55 -1.40 -17.35
N ALA A 20 -1.54 -0.60 -16.89
CA ALA A 20 -0.10 -0.91 -17.14
C ALA A 20 0.42 -2.28 -16.58
N ILE A 21 -0.01 -2.72 -15.37
CA ILE A 21 0.35 -4.07 -14.82
C ILE A 21 -0.53 -5.28 -15.34
N GLY A 22 -1.60 -5.05 -16.13
CA GLY A 22 -2.44 -6.13 -16.71
C GLY A 22 -3.70 -6.57 -15.93
N LEU A 23 -4.56 -5.62 -15.49
CA LEU A 23 -5.83 -5.93 -14.78
C LEU A 23 -7.12 -5.55 -15.59
N PRO A 24 -8.33 -6.14 -15.31
CA PRO A 24 -9.58 -5.84 -16.07
C PRO A 24 -10.29 -4.51 -15.70
N GLU A 25 -10.75 -3.78 -16.73
CA GLU A 25 -11.49 -2.50 -16.57
C GLU A 25 -12.79 -2.55 -15.69
N GLU A 26 -13.56 -3.65 -15.74
CA GLU A 26 -14.71 -3.92 -14.82
C GLU A 26 -14.32 -3.92 -13.29
N LEU A 27 -13.29 -4.69 -12.87
CA LEU A 27 -12.78 -4.65 -11.46
C LEU A 27 -12.07 -3.30 -11.09
N ILE A 28 -11.31 -2.66 -12.03
CA ILE A 28 -10.68 -1.31 -11.85
C ILE A 28 -11.77 -0.21 -11.60
N GLN A 29 -12.82 -0.13 -12.45
CA GLN A 29 -14.00 0.76 -12.21
C GLN A 29 -14.77 0.55 -10.86
N LYS A 30 -14.72 -0.65 -10.27
CA LYS A 30 -15.26 -0.91 -8.91
C LYS A 30 -14.31 -0.37 -7.79
N GLY A 31 -13.03 -0.81 -7.71
CA GLY A 31 -12.08 -0.32 -6.68
C GLY A 31 -11.49 1.12 -6.76
N LYS A 32 -11.70 1.88 -7.84
CA LYS A 32 -11.16 3.27 -7.97
C LYS A 32 -11.74 4.37 -7.01
N ASP A 33 -13.06 4.38 -6.75
CA ASP A 33 -13.73 5.43 -5.93
C ASP A 33 -14.19 5.01 -4.47
N ILE A 34 -13.99 3.75 -4.03
CA ILE A 34 -14.44 3.26 -2.70
C ILE A 34 -13.51 3.78 -1.55
N LYS A 35 -14.05 4.60 -0.63
CA LYS A 35 -13.28 5.09 0.56
C LYS A 35 -13.19 4.01 1.70
N GLY A 36 -12.35 2.99 1.49
CA GLY A 36 -12.17 1.89 2.47
C GLY A 36 -11.10 2.12 3.57
N VAL A 37 -11.02 1.16 4.49
CA VAL A 37 -10.05 1.20 5.63
C VAL A 37 -8.71 0.48 5.24
N SER A 38 -7.58 1.07 5.65
CA SER A 38 -6.22 0.51 5.49
C SER A 38 -5.56 0.48 6.89
N GLU A 39 -5.57 -0.69 7.53
CA GLU A 39 -5.04 -0.88 8.90
C GLU A 39 -3.50 -1.16 8.96
N ILE A 40 -2.85 -0.72 10.05
CA ILE A 40 -1.44 -1.08 10.35
C ILE A 40 -1.34 -1.25 11.91
N VAL A 41 -0.68 -2.32 12.40
CA VAL A 41 -0.38 -2.53 13.85
C VAL A 41 1.18 -2.60 13.96
N GLN A 42 1.84 -1.55 14.49
CA GLN A 42 3.32 -1.50 14.62
C GLN A 42 3.84 -2.30 15.86
N ASN A 43 4.48 -3.46 15.63
CA ASN A 43 5.06 -4.31 16.72
C ASN A 43 6.62 -4.38 16.56
N GLY A 44 7.32 -3.24 16.76
CA GLY A 44 8.79 -3.14 16.57
C GLY A 44 9.24 -3.29 15.09
N LYS A 45 9.67 -4.51 14.72
CA LYS A 45 9.95 -4.87 13.30
C LYS A 45 8.69 -5.39 12.53
N HIS A 46 7.74 -6.10 13.16
CA HIS A 46 6.55 -6.70 12.48
C HIS A 46 5.34 -5.70 12.42
N PHE A 47 4.98 -5.28 11.21
CA PHE A 47 3.86 -4.33 10.96
C PHE A 47 2.68 -5.13 10.35
N LYS A 48 1.63 -5.40 11.16
CA LYS A 48 0.46 -6.21 10.72
C LYS A 48 -0.60 -5.33 10.02
N PHE A 49 -0.85 -5.56 8.72
CA PHE A 49 -1.84 -4.76 7.95
C PHE A 49 -3.16 -5.49 7.59
N THR A 50 -4.25 -4.72 7.48
CA THR A 50 -5.57 -5.20 6.98
C THR A 50 -6.01 -4.16 5.90
N ILE A 51 -5.73 -4.43 4.60
CA ILE A 51 -5.92 -3.44 3.51
C ILE A 51 -7.18 -3.74 2.63
N THR A 52 -7.98 -2.71 2.36
CA THR A 52 -9.18 -2.80 1.49
C THR A 52 -8.83 -2.43 0.01
N ALA A 53 -8.85 -3.46 -0.85
CA ALA A 53 -8.70 -3.30 -2.32
C ALA A 53 -10.10 -3.30 -3.01
N GLY A 54 -10.87 -2.21 -2.78
CA GLY A 54 -12.27 -2.10 -3.23
C GLY A 54 -13.23 -2.99 -2.41
N SER A 55 -13.47 -4.21 -2.91
CA SER A 55 -14.26 -5.25 -2.20
C SER A 55 -13.39 -6.27 -1.39
N LYS A 56 -12.18 -6.66 -1.84
CA LYS A 56 -11.32 -7.67 -1.15
C LYS A 56 -10.51 -7.08 0.04
N VAL A 57 -10.55 -7.80 1.18
CA VAL A 57 -9.73 -7.45 2.38
C VAL A 57 -8.40 -8.28 2.29
N ILE A 58 -7.28 -7.61 1.99
CA ILE A 58 -5.94 -8.24 1.83
C ILE A 58 -5.16 -8.02 3.16
N GLN A 59 -5.04 -9.06 4.00
CA GLN A 59 -4.34 -8.98 5.31
C GLN A 59 -3.03 -9.83 5.34
N ASN A 60 -1.92 -9.14 5.55
CA ASN A 60 -0.55 -9.74 5.63
C ASN A 60 0.32 -8.88 6.61
N GLU A 61 1.47 -9.41 7.09
CA GLU A 61 2.38 -8.65 7.99
C GLU A 61 3.82 -8.50 7.41
N PHE A 62 4.34 -7.27 7.40
CA PHE A 62 5.71 -6.97 6.90
C PHE A 62 6.76 -6.76 8.02
N THR A 63 7.92 -7.37 7.82
CA THR A 63 9.06 -7.31 8.78
C THR A 63 10.07 -6.24 8.26
N VAL A 64 10.29 -5.16 9.01
CA VAL A 64 11.27 -4.08 8.63
C VAL A 64 12.71 -4.61 8.91
N GLY A 65 13.53 -4.73 7.85
CA GLY A 65 14.91 -5.31 7.98
C GLY A 65 15.11 -6.83 7.73
N GLU A 66 14.04 -7.65 7.67
CA GLU A 66 14.13 -9.10 7.28
C GLU A 66 12.99 -9.48 6.29
N GLU A 67 13.18 -10.56 5.49
CA GLU A 67 12.20 -11.00 4.44
C GLU A 67 10.69 -11.17 4.86
N CYS A 68 9.78 -10.62 4.05
CA CYS A 68 8.32 -10.70 4.30
C CYS A 68 7.50 -10.85 2.99
N GLU A 69 6.74 -11.95 2.91
CA GLU A 69 5.87 -12.29 1.75
C GLU A 69 4.48 -11.57 1.78
N LEU A 70 4.23 -10.72 0.77
CA LEU A 70 2.98 -9.90 0.69
C LEU A 70 2.25 -10.13 -0.69
N GLU A 71 0.91 -10.24 -0.68
CA GLU A 71 0.12 -10.42 -1.94
C GLU A 71 0.13 -9.15 -2.87
N THR A 72 0.21 -9.44 -4.17
CA THR A 72 0.22 -8.44 -5.27
C THR A 72 -1.06 -8.53 -6.16
N MET A 73 -1.30 -7.47 -6.94
CA MET A 73 -2.38 -7.46 -7.98
C MET A 73 -1.98 -8.37 -9.20
N THR A 74 -0.87 -8.07 -9.88
CA THR A 74 -0.28 -8.97 -10.92
C THR A 74 0.85 -9.78 -10.21
N GLY A 75 0.73 -11.11 -10.21
CA GLY A 75 1.73 -12.02 -9.62
C GLY A 75 1.19 -13.17 -8.74
N GLU A 76 1.56 -13.14 -7.44
CA GLU A 76 1.34 -14.28 -6.51
C GLU A 76 1.54 -13.80 -5.04
N LYS A 77 2.80 -13.71 -4.60
CA LYS A 77 3.19 -13.27 -3.24
C LYS A 77 4.69 -12.86 -3.29
N VAL A 78 4.97 -11.56 -3.12
CA VAL A 78 6.33 -10.98 -3.26
C VAL A 78 7.07 -10.84 -1.90
N LYS A 79 8.33 -11.35 -1.81
CA LYS A 79 9.18 -11.15 -0.61
C LYS A 79 9.90 -9.76 -0.71
N THR A 80 9.21 -8.74 -0.18
CA THR A 80 9.61 -7.31 -0.27
C THR A 80 9.97 -6.76 1.15
N VAL A 81 11.27 -6.57 1.44
CA VAL A 81 11.69 -6.01 2.76
C VAL A 81 11.56 -4.45 2.76
N VAL A 82 11.03 -3.90 3.85
CA VAL A 82 10.74 -2.45 3.98
C VAL A 82 11.79 -1.77 4.90
N GLN A 83 12.38 -0.65 4.46
CA GLN A 83 13.35 0.15 5.27
C GLN A 83 12.65 1.42 5.82
N LEU A 84 12.91 1.74 7.10
CA LEU A 84 12.26 2.86 7.81
C LEU A 84 13.23 4.03 8.15
N GLU A 85 12.85 5.27 7.75
CA GLU A 85 13.59 6.51 8.13
C GLU A 85 12.69 7.38 9.06
N GLY A 86 13.25 7.77 10.22
CA GLY A 86 12.58 8.67 11.22
C GLY A 86 11.19 8.34 11.83
N ASP A 87 10.85 7.05 11.90
CA ASP A 87 9.49 6.56 12.28
C ASP A 87 8.28 7.08 11.41
N ASN A 88 8.53 7.45 10.13
CA ASN A 88 7.47 7.94 9.19
C ASN A 88 7.63 7.55 7.68
N LYS A 89 8.86 7.32 7.16
CA LYS A 89 9.08 6.99 5.72
C LYS A 89 9.41 5.47 5.54
N LEU A 90 8.49 4.70 4.94
CA LEU A 90 8.69 3.25 4.68
C LEU A 90 8.95 3.01 3.15
N VAL A 91 10.15 2.52 2.79
CA VAL A 91 10.55 2.31 1.37
C VAL A 91 10.81 0.79 1.03
N THR A 92 10.22 0.26 -0.05
CA THR A 92 10.44 -1.17 -0.46
C THR A 92 10.55 -1.38 -2.02
N THR A 93 11.01 -2.57 -2.42
CA THR A 93 11.14 -2.99 -3.85
C THR A 93 10.13 -4.16 -4.06
N PHE A 94 8.99 -3.88 -4.70
CA PHE A 94 7.87 -4.87 -4.86
C PHE A 94 8.06 -5.72 -6.19
N LYS A 95 7.01 -5.95 -7.01
CA LYS A 95 7.14 -6.64 -8.33
C LYS A 95 7.59 -5.59 -9.40
N ASN A 96 8.89 -5.24 -9.44
CA ASN A 96 9.46 -4.14 -10.28
C ASN A 96 8.82 -2.70 -10.05
N ILE A 97 8.40 -2.41 -8.80
CA ILE A 97 7.71 -1.14 -8.40
C ILE A 97 8.43 -0.63 -7.12
N LYS A 98 8.86 0.66 -7.09
CA LYS A 98 9.45 1.26 -5.87
C LYS A 98 8.30 1.92 -5.03
N SER A 99 7.89 1.23 -3.95
CA SER A 99 6.78 1.69 -3.06
C SER A 99 7.33 2.56 -1.90
N VAL A 100 6.91 3.84 -1.88
CA VAL A 100 7.33 4.83 -0.86
C VAL A 100 6.06 5.20 -0.03
N THR A 101 5.98 4.76 1.23
CA THR A 101 4.80 5.03 2.11
C THR A 101 5.20 6.07 3.21
N GLU A 102 4.67 7.32 3.17
CA GLU A 102 5.05 8.38 4.15
C GLU A 102 3.87 8.77 5.10
N LEU A 103 4.17 8.90 6.40
CA LEU A 103 3.19 9.34 7.43
C LEU A 103 3.47 10.85 7.77
N ASN A 104 2.51 11.75 7.43
CA ASN A 104 2.65 13.21 7.71
C ASN A 104 1.72 13.59 8.92
N GLY A 105 2.23 13.39 10.16
CA GLY A 105 1.44 13.64 11.40
C GLY A 105 0.46 12.48 11.69
N ASP A 106 -0.81 12.67 11.28
CA ASP A 106 -1.85 11.59 11.34
C ASP A 106 -2.56 11.31 9.95
N ILE A 107 -1.84 11.47 8.83
CA ILE A 107 -2.34 11.16 7.46
C ILE A 107 -1.21 10.34 6.73
N ILE A 108 -1.54 9.16 6.19
CA ILE A 108 -0.55 8.30 5.48
C ILE A 108 -0.73 8.37 3.94
N THR A 109 0.39 8.50 3.20
CA THR A 109 0.38 8.43 1.71
C THR A 109 1.14 7.18 1.22
N ASN A 110 0.54 6.36 0.34
CA ASN A 110 1.21 5.16 -0.24
C ASN A 110 1.53 5.46 -1.74
N THR A 111 2.80 5.79 -2.05
CA THR A 111 3.23 6.19 -3.42
C THR A 111 3.97 5.01 -4.14
N MET A 112 3.25 4.28 -5.00
CA MET A 112 3.80 3.15 -5.79
C MET A 112 4.32 3.66 -7.17
N THR A 113 5.64 3.80 -7.26
CA THR A 113 6.33 4.37 -8.46
C THR A 113 6.79 3.23 -9.43
N LEU A 114 6.14 3.16 -10.60
CA LEU A 114 6.49 2.19 -11.68
C LEU A 114 7.04 2.99 -12.90
N GLY A 115 8.32 3.42 -12.82
CA GLY A 115 8.97 4.24 -13.88
C GLY A 115 8.40 5.67 -14.00
N ASP A 116 7.47 5.83 -14.95
CA ASP A 116 6.70 7.08 -15.15
C ASP A 116 5.33 7.13 -14.36
N ILE A 117 4.70 5.97 -14.07
CA ILE A 117 3.40 5.87 -13.36
C ILE A 117 3.62 6.07 -11.82
N VAL A 118 2.92 7.05 -11.22
CA VAL A 118 3.04 7.34 -9.76
C VAL A 118 1.65 7.05 -9.09
N PHE A 119 1.38 5.80 -8.65
CA PHE A 119 0.10 5.45 -7.97
C PHE A 119 0.11 5.92 -6.48
N LYS A 120 -0.57 7.05 -6.20
CA LYS A 120 -0.55 7.67 -4.85
C LYS A 120 -1.91 7.62 -4.11
N ARG A 121 -1.99 6.85 -3.01
CA ARG A 121 -3.13 6.91 -2.06
C ARG A 121 -2.87 8.01 -0.96
N ILE A 122 -3.96 8.58 -0.41
CA ILE A 122 -3.90 9.56 0.72
C ILE A 122 -5.02 9.09 1.71
N SER A 123 -4.64 8.51 2.86
CA SER A 123 -5.60 7.96 3.86
C SER A 123 -5.39 8.58 5.28
N LYS A 124 -6.47 8.97 5.98
CA LYS A 124 -6.37 9.61 7.32
C LYS A 124 -6.53 8.60 8.50
N ARG A 125 -5.68 8.72 9.53
CA ARG A 125 -5.68 7.83 10.73
C ARG A 125 -7.00 7.88 11.57
N ILE A 126 -7.60 6.71 11.73
CA ILE A 126 -8.87 6.50 12.49
C ILE A 126 -8.67 5.28 13.46
#